data_4BER
#
_entry.id   4BER
#
_cell.length_a   58.330
_cell.length_b   103.560
_cell.length_c   224.100
_cell.angle_alpha   90.00
_cell.angle_beta   90.00
_cell.angle_gamma   90.00
#
_symmetry.space_group_name_H-M   'P 2 2 21'
#
loop_
_entity.id
_entity.type
_entity.pdbx_description
1 polymer 'PHOSPHOCHOLINE TRANSFERASE ANKX'
2 non-polymer "CYTIDINE-5'-MONOPHOSPHATE"
3 non-polymer 'PHOSPHATE ION'
4 non-polymer GLYCEROL
5 water water
#
_entity_poly.entity_id   1
_entity_poly.type   'polypeptide(L)'
_entity_poly.pdbx_seq_one_letter_code
;GVKIMPNLPGLYFLQAYPSEEIWRLFVDGRFWSKENGWRGYESREPGCLNAALESLCSIALQVEKSGEEFELSVDLIKRI
HKKCGKKVEELQEKNPGELRTDEPVSFGIPAGRASIKGIEEFLSLVFLTEGGAEFGPGKAGPFGPRFDKNYFKNLNPEQI
PDLAKQIYFDMCKYGHSNTNHFYLAVMKNVDVYLEKITQSYNKEIKTAETLDEKLKIIVKHIRMYEVLHPFRDANGRTFV
NNLLNIPLMQQGLPPATFYEPNVFDLYSAEELVVVVKEAIFNTVEIIEQSKRKTPITLYGYHSSLEEQTKFRDMLDSPSY
EKIKHMDFSDLNPEKLHLKTQKCLSSLNEQYPLHRGAIYLSDPGEIKLLLSNRNESQINQQIEQGAPPIYVGKTPAHLAV
ISGNMAMLDELIAKKADLSLQDYDGKTALHYAAECGNMQIMGKILKVVLSQEDAIKVLNIKDNHGKTAFHYAAEFGTPEL
ISAL
;
_entity_poly.pdbx_strand_id   A,B
#
loop_
_chem_comp.id
_chem_comp.type
_chem_comp.name
_chem_comp.formula
C5P non-polymer CYTIDINE-5'-MONOPHOSPHATE 'C9 H14 N3 O8 P'
GOL non-polymer GLYCEROL 'C3 H8 O3'
PO4 non-polymer 'PHOSPHATE ION' 'O4 P -3'
#
# COMPACT_ATOMS: atom_id res chain seq x y z
N GLY A 1 0.10 24.68 -3.25
CA GLY A 1 -0.14 25.55 -2.10
C GLY A 1 -1.60 25.56 -1.71
N VAL A 2 -2.38 26.47 -2.31
CA VAL A 2 -3.82 26.57 -2.07
C VAL A 2 -4.58 25.90 -3.21
N LYS A 3 -5.47 24.97 -2.87
CA LYS A 3 -6.27 24.26 -3.86
C LYS A 3 -7.66 23.88 -3.36
N ILE A 4 -8.55 23.57 -4.32
CA ILE A 4 -9.90 23.08 -4.09
C ILE A 4 -9.74 21.56 -4.04
N MET A 5 -9.86 21.00 -2.82
CA MET A 5 -9.74 19.56 -2.58
C MET A 5 -11.15 19.02 -2.32
N PRO A 6 -11.86 18.52 -3.39
CA PRO A 6 -13.26 18.07 -3.19
C PRO A 6 -13.37 16.98 -2.15
N ASN A 7 -14.44 17.04 -1.35
CA ASN A 7 -14.68 16.08 -0.28
C ASN A 7 -14.94 14.68 -0.82
N LEU A 8 -15.75 14.60 -1.89
CA LEU A 8 -16.09 13.35 -2.58
C LEU A 8 -15.68 13.52 -4.03
N PRO A 9 -14.38 13.31 -4.39
CA PRO A 9 -14.00 13.45 -5.81
C PRO A 9 -14.77 12.51 -6.75
N GLY A 10 -15.25 11.40 -6.21
CA GLY A 10 -16.03 10.39 -6.92
C GLY A 10 -17.41 10.87 -7.39
N LEU A 11 -17.76 12.16 -7.09
CA LEU A 11 -19.02 12.75 -7.54
C LEU A 11 -19.01 12.92 -9.05
N TYR A 12 -17.79 13.03 -9.65
CA TYR A 12 -17.52 13.09 -11.08
C TYR A 12 -18.22 11.95 -11.78
N PHE A 13 -18.22 10.75 -11.16
CA PHE A 13 -18.89 9.56 -11.71
C PHE A 13 -20.39 9.59 -11.53
N LEU A 14 -20.89 10.16 -10.41
CA LEU A 14 -22.33 10.29 -10.21
C LEU A 14 -22.94 11.27 -11.24
N GLN A 15 -22.19 12.33 -11.59
CA GLN A 15 -22.58 13.30 -12.61
C GLN A 15 -22.49 12.63 -14.01
N ALA A 16 -21.50 11.75 -14.21
CA ALA A 16 -21.22 11.03 -15.45
C ALA A 16 -22.22 9.95 -15.71
N TYR A 17 -22.84 9.39 -14.63
CA TYR A 17 -23.85 8.33 -14.75
C TYR A 17 -25.01 8.84 -15.61
N PRO A 18 -25.41 8.10 -16.69
CA PRO A 18 -26.52 8.58 -17.53
C PRO A 18 -27.84 8.66 -16.76
N SER A 19 -28.49 9.84 -16.85
CA SER A 19 -29.76 10.18 -16.19
C SER A 19 -30.85 9.14 -16.38
N GLU A 20 -31.06 8.70 -17.63
CA GLU A 20 -32.09 7.71 -17.96
C GLU A 20 -31.85 6.31 -17.34
N GLU A 21 -30.60 6.04 -16.89
CA GLU A 21 -30.17 4.77 -16.32
C GLU A 21 -29.90 4.82 -14.82
N ILE A 22 -30.07 5.99 -14.18
CA ILE A 22 -29.80 6.20 -12.75
C ILE A 22 -30.42 5.19 -11.77
N TRP A 23 -31.60 4.63 -12.11
CA TRP A 23 -32.29 3.62 -11.29
C TRP A 23 -31.42 2.36 -11.05
N ARG A 24 -30.44 2.11 -11.93
CA ARG A 24 -29.56 0.95 -11.83
C ARG A 24 -28.71 0.94 -10.57
N LEU A 25 -28.52 2.11 -9.90
CA LEU A 25 -27.77 2.04 -8.66
C LEU A 25 -28.58 1.64 -7.43
N PHE A 26 -29.90 1.36 -7.61
CA PHE A 26 -30.79 0.92 -6.51
C PHE A 26 -31.47 -0.41 -6.81
N VAL A 27 -31.90 -0.59 -8.08
CA VAL A 27 -32.60 -1.78 -8.56
C VAL A 27 -31.57 -2.86 -8.82
N ASP A 28 -31.53 -3.91 -7.97
CA ASP A 28 -30.61 -5.05 -8.11
C ASP A 28 -30.61 -5.54 -9.54
N GLY A 29 -29.42 -5.72 -10.14
CA GLY A 29 -29.25 -6.22 -11.50
C GLY A 29 -30.03 -7.48 -11.79
N ARG A 30 -30.21 -8.34 -10.75
CA ARG A 30 -30.94 -9.61 -10.80
C ARG A 30 -32.41 -9.49 -11.23
N PHE A 31 -33.00 -8.29 -11.09
CA PHE A 31 -34.40 -7.99 -11.43
C PHE A 31 -34.63 -7.57 -12.86
N TRP A 32 -33.66 -6.84 -13.43
CA TRP A 32 -33.74 -6.22 -14.76
C TRP A 32 -34.41 -7.03 -15.85
N SER A 33 -33.87 -8.21 -16.17
CA SER A 33 -34.35 -9.16 -17.19
C SER A 33 -35.83 -9.52 -17.09
N LYS A 34 -36.29 -9.86 -15.87
CA LYS A 34 -37.68 -10.30 -15.67
C LYS A 34 -38.66 -9.25 -15.18
N GLU A 35 -38.18 -8.11 -14.67
CA GLU A 35 -39.09 -7.11 -14.12
C GLU A 35 -39.15 -5.79 -14.88
N ASN A 36 -38.74 -5.80 -16.17
CA ASN A 36 -38.71 -4.61 -17.05
C ASN A 36 -37.85 -3.49 -16.42
N GLY A 37 -36.67 -3.88 -15.99
CA GLY A 37 -35.72 -2.99 -15.36
C GLY A 37 -36.11 -2.58 -13.96
N TRP A 38 -36.60 -1.34 -13.84
CA TRP A 38 -36.95 -0.69 -12.57
C TRP A 38 -38.42 -0.81 -12.19
N ARG A 39 -39.26 -1.26 -13.13
CA ARG A 39 -40.70 -1.35 -12.96
C ARG A 39 -41.18 -2.19 -11.79
N GLY A 40 -40.67 -3.42 -11.68
CA GLY A 40 -41.00 -4.33 -10.60
C GLY A 40 -40.69 -3.73 -9.24
N TYR A 41 -39.44 -3.24 -9.09
CA TYR A 41 -38.91 -2.57 -7.90
C TYR A 41 -39.81 -1.39 -7.47
N GLU A 42 -40.11 -0.45 -8.41
CA GLU A 42 -40.95 0.74 -8.16
C GLU A 42 -42.36 0.39 -7.67
N SER A 43 -43.03 -0.56 -8.34
CA SER A 43 -44.41 -0.99 -8.04
C SER A 43 -44.54 -1.55 -6.63
N ARG A 44 -43.47 -2.24 -6.15
CA ARG A 44 -43.39 -2.85 -4.82
C ARG A 44 -43.51 -1.82 -3.67
N GLU A 45 -42.93 -0.61 -3.86
CA GLU A 45 -42.94 0.52 -2.91
C GLU A 45 -42.94 1.84 -3.70
N PRO A 46 -44.10 2.31 -4.23
CA PRO A 46 -44.10 3.55 -5.03
C PRO A 46 -43.42 4.76 -4.38
N GLY A 47 -42.47 5.35 -5.13
CA GLY A 47 -41.70 6.51 -4.71
C GLY A 47 -40.39 6.21 -4.01
N CYS A 48 -40.09 4.92 -3.79
CA CYS A 48 -38.87 4.46 -3.12
C CYS A 48 -37.60 4.78 -3.93
N LEU A 49 -37.69 4.77 -5.27
CA LEU A 49 -36.56 5.06 -6.16
C LEU A 49 -36.14 6.52 -6.06
N ASN A 50 -37.12 7.44 -6.11
CA ASN A 50 -36.89 8.87 -6.00
C ASN A 50 -36.35 9.21 -4.61
N ALA A 51 -36.91 8.57 -3.56
CA ALA A 51 -36.45 8.76 -2.18
C ALA A 51 -35.01 8.22 -2.01
N ALA A 52 -34.68 7.07 -2.62
CA ALA A 52 -33.33 6.50 -2.56
C ALA A 52 -32.32 7.41 -3.26
N LEU A 53 -32.65 7.89 -4.49
CA LEU A 53 -31.79 8.80 -5.27
C LEU A 53 -31.57 10.08 -4.49
N GLU A 54 -32.67 10.72 -4.03
CA GLU A 54 -32.66 11.97 -3.27
C GLU A 54 -31.85 11.85 -1.98
N SER A 55 -31.95 10.70 -1.28
CA SER A 55 -31.22 10.46 -0.04
C SER A 55 -29.71 10.52 -0.32
N LEU A 56 -29.23 9.71 -1.28
CA LEU A 56 -27.83 9.64 -1.66
C LEU A 56 -27.32 11.00 -2.10
N CYS A 57 -28.04 11.64 -3.03
CA CYS A 57 -27.69 12.91 -3.64
C CYS A 57 -27.68 14.09 -2.67
N SER A 58 -28.72 14.24 -1.83
CA SER A 58 -28.74 15.34 -0.86
C SER A 58 -27.64 15.16 0.18
N ILE A 59 -27.51 13.94 0.71
CA ILE A 59 -26.50 13.66 1.72
C ILE A 59 -25.05 13.85 1.18
N ALA A 60 -24.81 13.54 -0.11
CA ALA A 60 -23.53 13.76 -0.79
C ALA A 60 -23.21 15.27 -0.93
N LEU A 61 -24.23 16.09 -1.31
CA LEU A 61 -24.12 17.55 -1.42
C LEU A 61 -23.84 18.15 -0.04
N GLN A 62 -24.43 17.57 1.03
CA GLN A 62 -24.25 18.03 2.41
C GLN A 62 -22.81 17.81 2.81
N VAL A 63 -22.25 16.61 2.48
CA VAL A 63 -20.85 16.34 2.79
C VAL A 63 -19.90 17.17 1.91
N GLU A 64 -20.25 17.38 0.64
CA GLU A 64 -19.44 18.17 -0.29
C GLU A 64 -19.35 19.64 0.13
N LYS A 65 -20.46 20.19 0.67
CA LYS A 65 -20.56 21.57 1.13
C LYS A 65 -19.73 21.83 2.39
N SER A 66 -19.58 20.81 3.26
CA SER A 66 -18.89 20.86 4.55
C SER A 66 -17.42 21.26 4.52
N GLY A 67 -17.04 22.08 5.49
CA GLY A 67 -15.67 22.53 5.69
C GLY A 67 -14.88 21.49 6.46
N GLU A 68 -15.60 20.64 7.21
CA GLU A 68 -15.05 19.56 8.01
C GLU A 68 -14.73 18.36 7.13
N GLU A 69 -13.67 17.62 7.50
CA GLU A 69 -13.27 16.40 6.80
C GLU A 69 -14.32 15.32 7.09
N PHE A 70 -14.74 14.56 6.06
CA PHE A 70 -15.77 13.53 6.21
C PHE A 70 -15.46 12.40 7.21
N GLU A 71 -16.45 12.16 8.08
CA GLU A 71 -16.47 11.13 9.11
C GLU A 71 -17.88 10.60 9.26
N LEU A 72 -18.00 9.30 9.56
CA LEU A 72 -19.26 8.63 9.79
C LEU A 72 -19.79 9.03 11.16
N SER A 73 -21.11 9.07 11.29
CA SER A 73 -21.80 9.36 12.55
C SER A 73 -23.19 8.69 12.57
N VAL A 74 -23.68 8.37 13.79
CA VAL A 74 -25.00 7.81 14.03
C VAL A 74 -26.09 8.78 13.49
N ASP A 75 -25.78 10.07 13.52
CA ASP A 75 -26.62 11.15 13.01
C ASP A 75 -26.71 11.11 11.48
N LEU A 76 -25.59 10.85 10.76
CA LEU A 76 -25.63 10.74 9.29
C LEU A 76 -26.48 9.53 8.87
N ILE A 77 -26.30 8.40 9.56
CA ILE A 77 -27.03 7.14 9.36
C ILE A 77 -28.56 7.32 9.50
N LYS A 78 -28.98 8.02 10.58
CA LYS A 78 -30.39 8.31 10.87
C LYS A 78 -30.99 9.22 9.78
N ARG A 79 -30.21 10.21 9.29
CA ARG A 79 -30.58 11.14 8.23
C ARG A 79 -30.86 10.40 6.91
N ILE A 80 -29.98 9.44 6.55
CA ILE A 80 -30.11 8.60 5.34
C ILE A 80 -31.41 7.80 5.43
N HIS A 81 -31.63 7.08 6.54
CA HIS A 81 -32.84 6.28 6.75
C HIS A 81 -34.12 7.11 6.68
N LYS A 82 -34.09 8.32 7.26
CA LYS A 82 -35.23 9.24 7.26
C LYS A 82 -35.63 9.62 5.81
N LYS A 83 -34.62 9.93 4.97
CA LYS A 83 -34.80 10.32 3.58
C LYS A 83 -35.24 9.14 2.68
N CYS A 84 -34.80 7.91 3.03
CA CYS A 84 -35.10 6.65 2.31
C CYS A 84 -36.55 6.19 2.44
N GLY A 85 -37.30 6.83 3.34
CA GLY A 85 -38.70 6.54 3.58
C GLY A 85 -39.53 7.80 3.59
N LYS A 86 -39.04 8.88 2.92
CA LYS A 86 -39.67 10.20 2.86
C LYS A 86 -41.14 10.23 2.41
N LYS A 87 -41.45 9.62 1.25
CA LYS A 87 -42.84 9.54 0.77
C LYS A 87 -43.29 8.08 0.57
N VAL A 88 -42.40 7.13 0.98
CA VAL A 88 -42.64 5.69 0.87
C VAL A 88 -43.65 5.24 1.94
N GLU A 89 -44.89 4.89 1.50
CA GLU A 89 -46.04 4.41 2.27
C GLU A 89 -45.73 3.18 3.15
N GLU A 90 -44.88 2.27 2.61
CA GLU A 90 -44.41 1.02 3.23
C GLU A 90 -43.30 1.25 4.28
N LEU A 91 -42.81 2.51 4.42
CA LEU A 91 -41.78 2.89 5.39
C LEU A 91 -42.21 3.96 6.41
N GLN A 92 -43.35 4.63 6.14
CA GLN A 92 -43.90 5.69 7.00
C GLN A 92 -44.38 5.18 8.36
N GLU A 93 -44.96 3.96 8.40
CA GLU A 93 -45.45 3.35 9.65
C GLU A 93 -44.38 2.49 10.37
N LYS A 94 -43.09 2.62 9.92
CA LYS A 94 -41.92 1.92 10.46
C LYS A 94 -40.86 2.91 11.02
N ASN A 95 -41.33 4.09 11.53
CA ASN A 95 -40.56 5.21 12.11
C ASN A 95 -39.27 5.57 11.32
N PRO A 96 -39.34 6.42 10.26
CA PRO A 96 -38.12 6.72 9.49
C PRO A 96 -37.18 7.63 10.27
N GLY A 97 -35.90 7.24 10.28
CA GLY A 97 -34.83 7.95 10.97
C GLY A 97 -34.65 7.52 12.42
N GLU A 98 -35.55 6.65 12.92
CA GLU A 98 -35.45 6.17 14.30
C GLU A 98 -35.01 4.71 14.38
N LEU A 99 -34.07 4.44 15.29
CA LEU A 99 -33.47 3.14 15.57
C LEU A 99 -34.44 2.24 16.32
N ARG A 100 -34.23 0.91 16.20
CA ARG A 100 -35.06 -0.05 16.93
C ARG A 100 -34.62 -0.12 18.41
N THR A 101 -35.55 -0.46 19.27
CA THR A 101 -35.25 -0.62 20.65
C THR A 101 -35.32 -2.09 20.90
N ASP A 102 -36.52 -2.64 20.88
CA ASP A 102 -36.68 -4.03 21.20
C ASP A 102 -37.43 -4.73 20.12
N GLU A 103 -37.89 -3.99 19.11
CA GLU A 103 -38.65 -4.60 18.06
C GLU A 103 -37.91 -5.80 17.51
N PRO A 104 -38.65 -6.80 17.09
CA PRO A 104 -38.09 -7.93 16.36
C PRO A 104 -37.97 -7.68 14.86
N VAL A 105 -36.83 -8.03 14.32
CA VAL A 105 -36.58 -7.93 12.90
C VAL A 105 -35.87 -9.20 12.46
N SER A 106 -36.40 -9.86 11.44
CA SER A 106 -35.89 -11.14 11.00
C SER A 106 -36.04 -11.37 9.52
N PHE A 107 -35.20 -12.26 8.97
CA PHE A 107 -35.22 -12.64 7.56
C PHE A 107 -34.49 -13.97 7.37
N GLY A 108 -34.80 -14.64 6.27
CA GLY A 108 -34.12 -15.87 5.88
C GLY A 108 -32.98 -15.61 4.92
N ILE A 109 -31.96 -16.47 4.93
CA ILE A 109 -30.80 -16.35 4.03
C ILE A 109 -30.62 -17.68 3.24
N PRO A 110 -30.64 -17.66 1.89
CA PRO A 110 -30.36 -18.89 1.12
C PRO A 110 -28.85 -19.12 0.98
N ALA A 111 -28.40 -20.35 0.64
CA ALA A 111 -26.98 -20.69 0.48
C ALA A 111 -26.32 -19.81 -0.59
N GLY A 112 -27.12 -19.36 -1.55
CA GLY A 112 -26.67 -18.50 -2.63
C GLY A 112 -26.21 -17.11 -2.21
N ARG A 113 -26.54 -16.71 -0.95
CA ARG A 113 -26.21 -15.39 -0.36
C ARG A 113 -25.23 -15.52 0.81
N ALA A 114 -24.68 -16.73 0.97
CA ALA A 114 -23.77 -17.13 2.03
C ALA A 114 -22.49 -17.73 1.49
N SER A 115 -21.50 -17.78 2.37
CA SER A 115 -20.20 -18.36 2.12
C SER A 115 -19.70 -18.97 3.44
N ILE A 116 -18.79 -19.96 3.38
CA ILE A 116 -18.19 -20.57 4.57
C ILE A 116 -17.44 -19.48 5.41
N LYS A 117 -16.50 -18.72 4.76
CA LYS A 117 -15.71 -17.65 5.41
C LYS A 117 -16.60 -16.56 5.98
N GLY A 118 -17.71 -16.30 5.28
CA GLY A 118 -18.70 -15.31 5.69
C GLY A 118 -19.48 -15.68 6.94
N ILE A 119 -19.82 -16.98 7.06
CA ILE A 119 -20.53 -17.51 8.22
C ILE A 119 -19.58 -17.48 9.42
N GLU A 120 -18.28 -17.80 9.17
CA GLU A 120 -17.20 -17.76 10.17
C GLU A 120 -17.15 -16.36 10.83
N GLU A 121 -17.11 -15.29 10.01
CA GLU A 121 -17.08 -13.91 10.49
C GLU A 121 -18.36 -13.51 11.20
N PHE A 122 -19.52 -13.93 10.66
CA PHE A 122 -20.85 -13.69 11.20
C PHE A 122 -20.93 -14.25 12.62
N LEU A 123 -20.54 -15.53 12.82
CA LEU A 123 -20.56 -16.19 14.14
C LEU A 123 -19.57 -15.56 15.11
N SER A 124 -18.54 -14.89 14.57
CA SER A 124 -17.48 -14.23 15.33
C SER A 124 -17.80 -12.82 15.83
N LEU A 125 -18.88 -12.18 15.31
CA LEU A 125 -19.29 -10.83 15.73
C LEU A 125 -19.78 -10.86 17.17
N VAL A 126 -18.96 -10.32 18.09
CA VAL A 126 -19.30 -10.36 19.53
C VAL A 126 -20.63 -9.71 19.92
N PHE A 127 -21.03 -8.61 19.23
CA PHE A 127 -22.28 -7.92 19.49
C PHE A 127 -23.51 -8.82 19.30
N LEU A 128 -23.44 -9.73 18.32
CA LEU A 128 -24.51 -10.70 18.01
C LEU A 128 -24.70 -11.71 19.13
N THR A 129 -23.58 -12.26 19.66
CA THR A 129 -23.56 -13.27 20.72
C THR A 129 -24.09 -12.67 22.04
N GLU A 130 -23.59 -11.49 22.43
CA GLU A 130 -24.01 -10.82 23.66
C GLU A 130 -25.36 -10.06 23.57
N GLY A 131 -25.72 -9.62 22.38
CA GLY A 131 -26.97 -8.88 22.16
C GLY A 131 -28.21 -9.73 22.01
N GLY A 132 -28.00 -11.05 22.04
CA GLY A 132 -29.08 -12.03 21.95
C GLY A 132 -29.63 -12.28 20.56
N ALA A 133 -28.77 -12.20 19.53
CA ALA A 133 -29.20 -12.47 18.15
C ALA A 133 -29.43 -13.97 17.99
N GLU A 134 -30.36 -14.36 17.12
CA GLU A 134 -30.65 -15.75 16.85
C GLU A 134 -30.38 -16.10 15.40
N PHE A 135 -29.77 -17.26 15.16
CA PHE A 135 -29.47 -17.75 13.83
C PHE A 135 -29.48 -19.27 13.79
N GLY A 136 -30.08 -19.82 12.75
CA GLY A 136 -30.08 -21.25 12.53
C GLY A 136 -31.21 -21.77 11.67
N PRO A 137 -31.26 -23.11 11.47
CA PRO A 137 -32.35 -23.68 10.67
C PRO A 137 -33.68 -23.60 11.39
N GLY A 138 -34.74 -23.52 10.61
CA GLY A 138 -36.08 -23.44 11.15
C GLY A 138 -37.14 -23.24 10.09
N LYS A 139 -38.25 -22.65 10.51
CA LYS A 139 -39.43 -22.43 9.68
C LYS A 139 -39.87 -20.99 9.80
N ALA A 140 -40.32 -20.40 8.69
CA ALA A 140 -40.87 -19.04 8.71
C ALA A 140 -42.31 -19.13 9.27
N GLY A 141 -42.67 -18.18 10.12
CA GLY A 141 -43.97 -18.15 10.77
C GLY A 141 -44.67 -16.80 10.75
N PRO A 142 -45.91 -16.74 11.29
CA PRO A 142 -46.66 -15.47 11.30
C PRO A 142 -46.12 -14.41 12.25
N PHE A 143 -45.34 -14.81 13.28
CA PHE A 143 -44.76 -13.89 14.27
C PHE A 143 -43.22 -14.04 14.36
N GLY A 144 -42.57 -14.25 13.20
CA GLY A 144 -41.13 -14.43 13.09
C GLY A 144 -40.77 -15.90 12.91
N PRO A 145 -39.47 -16.26 12.84
CA PRO A 145 -39.12 -17.68 12.65
C PRO A 145 -39.24 -18.57 13.87
N ARG A 146 -39.37 -19.87 13.63
CA ARG A 146 -39.40 -20.93 14.62
C ARG A 146 -38.05 -21.65 14.44
N PHE A 147 -37.08 -21.36 15.30
CA PHE A 147 -35.75 -21.94 15.21
C PHE A 147 -35.70 -23.36 15.74
N ASP A 148 -35.14 -24.28 14.94
CA ASP A 148 -34.94 -25.67 15.36
C ASP A 148 -33.67 -25.69 16.20
N LYS A 149 -32.73 -24.81 15.85
CA LYS A 149 -31.42 -24.65 16.48
C LYS A 149 -31.05 -23.15 16.40
N ASN A 150 -30.30 -22.69 17.40
CA ASN A 150 -29.77 -21.33 17.47
C ASN A 150 -28.28 -21.46 17.81
N TYR A 151 -27.42 -21.21 16.81
CA TYR A 151 -25.97 -21.33 16.95
C TYR A 151 -25.34 -20.39 17.97
N PHE A 152 -25.94 -19.19 18.18
CA PHE A 152 -25.49 -18.22 19.17
C PHE A 152 -25.70 -18.68 20.63
N LYS A 153 -26.66 -19.60 20.87
CA LYS A 153 -26.95 -20.16 22.19
C LYS A 153 -25.83 -21.14 22.53
N ASN A 154 -25.15 -20.92 23.68
CA ASN A 154 -24.03 -21.72 24.20
C ASN A 154 -22.90 -21.94 23.16
N LEU A 155 -22.63 -20.92 22.32
CA LEU A 155 -21.63 -20.95 21.24
C LEU A 155 -20.18 -21.13 21.72
N ASN A 156 -19.48 -22.14 21.15
CA ASN A 156 -18.07 -22.36 21.44
C ASN A 156 -17.23 -21.70 20.32
N PRO A 157 -16.38 -20.71 20.64
CA PRO A 157 -15.60 -20.03 19.58
C PRO A 157 -14.64 -20.92 18.80
N GLU A 158 -14.07 -21.96 19.46
CA GLU A 158 -13.16 -22.94 18.85
C GLU A 158 -13.89 -23.74 17.77
N GLN A 159 -15.21 -23.93 17.95
CA GLN A 159 -16.11 -24.67 17.06
C GLN A 159 -16.53 -23.87 15.82
N ILE A 160 -16.43 -22.52 15.85
CA ILE A 160 -16.88 -21.67 14.74
C ILE A 160 -16.35 -22.06 13.33
N PRO A 161 -15.06 -22.44 13.10
CA PRO A 161 -14.65 -22.84 11.74
C PRO A 161 -15.38 -24.07 11.20
N ASP A 162 -15.54 -25.13 12.03
CA ASP A 162 -16.24 -26.38 11.67
C ASP A 162 -17.75 -26.18 11.55
N LEU A 163 -18.34 -25.34 12.42
CA LEU A 163 -19.76 -24.98 12.43
C LEU A 163 -20.13 -24.31 11.09
N ALA A 164 -19.30 -23.36 10.62
CA ALA A 164 -19.47 -22.66 9.36
C ALA A 164 -19.60 -23.62 8.16
N LYS A 165 -18.71 -24.63 8.08
CA LYS A 165 -18.64 -25.67 7.04
C LYS A 165 -19.93 -26.50 7.03
N GLN A 166 -20.41 -26.85 8.25
CA GLN A 166 -21.61 -27.61 8.54
C GLN A 166 -22.84 -26.77 8.20
N ILE A 167 -22.94 -25.51 8.71
CA ILE A 167 -24.04 -24.58 8.40
C ILE A 167 -24.21 -24.46 6.88
N TYR A 168 -23.11 -24.13 6.13
CA TYR A 168 -23.15 -24.03 4.67
C TYR A 168 -23.65 -25.32 4.00
N PHE A 169 -23.16 -26.49 4.46
CA PHE A 169 -23.58 -27.79 3.92
C PHE A 169 -25.08 -27.97 4.09
N ASP A 170 -25.63 -27.55 5.26
CA ASP A 170 -27.06 -27.65 5.58
C ASP A 170 -27.86 -26.73 4.67
N MET A 171 -27.43 -25.45 4.56
CA MET A 171 -28.05 -24.45 3.68
C MET A 171 -28.06 -24.96 2.23
N CYS A 172 -26.96 -25.61 1.79
CA CYS A 172 -26.78 -26.19 0.47
C CYS A 172 -27.69 -27.33 0.22
N LYS A 173 -27.73 -28.25 1.18
CA LYS A 173 -28.56 -29.44 1.13
C LYS A 173 -30.01 -29.06 0.88
N TYR A 174 -30.49 -28.01 1.58
CA TYR A 174 -31.86 -27.53 1.44
C TYR A 174 -32.16 -27.01 0.05
N GLY A 175 -31.17 -26.37 -0.56
CA GLY A 175 -31.30 -25.83 -1.90
C GLY A 175 -30.64 -24.49 -1.97
N HIS A 176 -29.84 -24.27 -3.04
CA HIS A 176 -29.07 -23.04 -3.27
C HIS A 176 -29.89 -21.77 -3.20
N SER A 177 -31.07 -21.78 -3.80
CA SER A 177 -32.00 -20.66 -3.86
C SER A 177 -33.16 -20.80 -2.89
N ASN A 178 -33.12 -21.81 -2.04
CA ASN A 178 -34.18 -22.05 -1.05
C ASN A 178 -33.72 -21.62 0.33
N THR A 179 -34.69 -21.23 1.18
CA THR A 179 -34.43 -20.74 2.53
C THR A 179 -34.91 -21.69 3.62
N ASN A 180 -33.97 -22.10 4.49
CA ASN A 180 -34.11 -23.06 5.59
C ASN A 180 -33.62 -22.41 6.87
N HIS A 181 -32.60 -21.53 6.75
CA HIS A 181 -31.91 -20.78 7.81
C HIS A 181 -32.40 -19.35 7.93
N PHE A 182 -32.69 -18.96 9.16
CA PHE A 182 -33.22 -17.64 9.47
C PHE A 182 -32.37 -16.90 10.47
N TYR A 183 -32.51 -15.60 10.47
CA TYR A 183 -31.77 -14.72 11.36
C TYR A 183 -32.74 -13.79 12.05
N LEU A 184 -32.69 -13.78 13.39
CA LEU A 184 -33.47 -12.89 14.22
C LEU A 184 -32.44 -11.95 14.85
N ALA A 185 -32.50 -10.67 14.49
CA ALA A 185 -31.55 -9.67 14.96
C ALA A 185 -31.68 -9.35 16.45
N VAL A 186 -30.62 -8.70 16.97
CA VAL A 186 -30.43 -8.21 18.33
C VAL A 186 -31.64 -7.34 18.77
N MET A 187 -32.11 -7.50 20.03
CA MET A 187 -33.25 -6.74 20.55
C MET A 187 -32.91 -5.92 21.80
N LYS A 188 -31.65 -5.46 21.89
CA LYS A 188 -31.10 -4.65 22.98
C LYS A 188 -29.78 -4.03 22.53
N ASN A 189 -29.41 -2.89 23.12
CA ASN A 189 -28.14 -2.18 22.88
C ASN A 189 -27.86 -1.81 21.42
N VAL A 190 -28.90 -1.74 20.57
CA VAL A 190 -28.71 -1.40 19.16
C VAL A 190 -28.01 -0.04 18.96
N ASP A 191 -28.38 0.96 19.80
CA ASP A 191 -27.78 2.30 19.82
C ASP A 191 -26.29 2.25 20.18
N VAL A 192 -25.93 1.39 21.16
CA VAL A 192 -24.59 1.17 21.67
C VAL A 192 -23.73 0.47 20.62
N TYR A 193 -24.28 -0.60 20.00
CA TYR A 193 -23.60 -1.36 18.94
C TYR A 193 -23.41 -0.50 17.68
N LEU A 194 -24.40 0.34 17.34
CA LEU A 194 -24.32 1.26 16.21
C LEU A 194 -23.18 2.27 16.42
N GLU A 195 -23.01 2.74 17.68
CA GLU A 195 -21.94 3.66 18.05
C GLU A 195 -20.56 2.99 17.98
N LYS A 196 -20.46 1.72 18.45
CA LYS A 196 -19.20 0.96 18.41
C LYS A 196 -18.72 0.75 16.98
N ILE A 197 -19.64 0.41 16.04
CA ILE A 197 -19.34 0.18 14.62
C ILE A 197 -18.80 1.49 13.96
N THR A 198 -19.48 2.61 14.23
CA THR A 198 -19.10 3.93 13.73
C THR A 198 -17.72 4.34 14.25
N GLN A 199 -17.48 4.21 15.58
CA GLN A 199 -16.18 4.54 16.18
C GLN A 199 -15.07 3.67 15.59
N SER A 200 -15.38 2.38 15.33
CA SER A 200 -14.46 1.41 14.75
C SER A 200 -14.09 1.78 13.32
N TYR A 201 -15.08 2.22 12.50
CA TYR A 201 -14.80 2.62 11.12
C TYR A 201 -13.89 3.83 11.08
N ASN A 202 -14.27 4.90 11.79
CA ASN A 202 -13.49 6.14 11.85
C ASN A 202 -12.05 5.93 12.35
N LYS A 203 -11.86 4.95 13.25
CA LYS A 203 -10.55 4.59 13.81
C LYS A 203 -9.73 3.88 12.73
N GLU A 204 -10.30 2.79 12.17
CA GLU A 204 -9.64 1.91 11.21
C GLU A 204 -9.33 2.48 9.84
N ILE A 205 -10.19 3.37 9.34
CA ILE A 205 -9.99 3.99 8.02
C ILE A 205 -8.74 4.89 8.01
N LYS A 206 -8.38 5.45 9.19
CA LYS A 206 -7.21 6.30 9.38
C LYS A 206 -5.90 5.51 9.20
N THR A 207 -5.88 4.24 9.63
CA THR A 207 -4.72 3.35 9.51
C THR A 207 -4.76 2.42 8.27
N ALA A 208 -5.57 2.77 7.24
CA ALA A 208 -5.63 1.99 6.00
C ALA A 208 -4.93 2.85 4.96
N GLU A 209 -3.75 2.42 4.51
CA GLU A 209 -2.92 3.21 3.59
C GLU A 209 -3.34 3.16 2.14
N THR A 210 -3.60 1.95 1.60
CA THR A 210 -3.98 1.76 0.21
C THR A 210 -5.48 1.73 0.01
N LEU A 211 -5.93 1.95 -1.25
CA LEU A 211 -7.33 1.88 -1.63
C LEU A 211 -7.90 0.50 -1.24
N ASP A 212 -7.16 -0.60 -1.57
CA ASP A 212 -7.56 -1.96 -1.27
C ASP A 212 -7.80 -2.16 0.24
N GLU A 213 -6.86 -1.64 1.07
CA GLU A 213 -6.96 -1.65 2.54
C GLU A 213 -8.19 -0.85 2.98
N LYS A 214 -8.42 0.33 2.36
CA LYS A 214 -9.55 1.21 2.65
C LYS A 214 -10.88 0.55 2.32
N LEU A 215 -10.94 -0.12 1.16
CA LEU A 215 -12.08 -0.87 0.66
C LEU A 215 -12.47 -1.98 1.64
N LYS A 216 -11.48 -2.70 2.20
CA LYS A 216 -11.76 -3.77 3.16
C LYS A 216 -12.41 -3.21 4.43
N ILE A 217 -11.88 -2.08 4.95
CA ILE A 217 -12.43 -1.40 6.14
C ILE A 217 -13.88 -0.97 5.87
N ILE A 218 -14.13 -0.28 4.72
CA ILE A 218 -15.46 0.18 4.33
C ILE A 218 -16.47 -1.00 4.34
N VAL A 219 -16.17 -2.10 3.60
CA VAL A 219 -17.06 -3.26 3.49
C VAL A 219 -17.30 -4.01 4.80
N LYS A 220 -16.25 -4.12 5.65
CA LYS A 220 -16.31 -4.78 6.95
C LYS A 220 -17.31 -4.07 7.86
N HIS A 221 -17.35 -2.74 7.77
CA HIS A 221 -18.22 -1.92 8.59
C HIS A 221 -19.63 -1.84 8.03
N ILE A 222 -19.78 -1.75 6.69
CA ILE A 222 -21.08 -1.76 6.02
C ILE A 222 -21.76 -3.10 6.31
N ARG A 223 -20.97 -4.18 6.33
CA ARG A 223 -21.45 -5.52 6.64
C ARG A 223 -21.96 -5.54 8.12
N MET A 224 -21.11 -5.12 9.09
CA MET A 224 -21.49 -5.07 10.51
C MET A 224 -22.79 -4.27 10.70
N TYR A 225 -22.93 -3.13 9.97
CA TYR A 225 -24.11 -2.25 10.01
C TYR A 225 -25.35 -2.95 9.50
N GLU A 226 -25.20 -3.79 8.46
CA GLU A 226 -26.31 -4.54 7.86
C GLU A 226 -26.72 -5.70 8.79
N VAL A 227 -25.73 -6.44 9.30
CA VAL A 227 -25.90 -7.56 10.23
C VAL A 227 -26.59 -7.08 11.49
N LEU A 228 -26.10 -5.99 12.13
CA LEU A 228 -26.79 -5.39 13.27
C LEU A 228 -27.91 -4.73 12.49
N HIS A 229 -29.12 -5.24 12.55
CA HIS A 229 -30.16 -4.64 11.72
C HIS A 229 -30.69 -3.46 12.58
N PRO A 230 -30.21 -2.19 12.42
CA PRO A 230 -30.62 -1.15 13.38
C PRO A 230 -32.01 -0.57 13.19
N PHE A 231 -32.50 -0.58 11.94
CA PHE A 231 -33.83 -0.06 11.62
C PHE A 231 -34.85 -1.17 11.35
N ARG A 232 -36.16 -0.84 11.44
CA ARG A 232 -37.31 -1.73 11.20
C ARG A 232 -37.26 -2.29 9.78
N ASP A 233 -36.92 -1.43 8.80
CA ASP A 233 -36.69 -1.77 7.40
C ASP A 233 -35.76 -0.72 6.76
N ALA A 234 -35.49 -0.85 5.44
CA ALA A 234 -34.63 0.01 4.63
C ALA A 234 -33.14 -0.02 4.98
N ASN A 235 -32.66 -1.10 5.64
CA ASN A 235 -31.24 -1.25 6.02
C ASN A 235 -30.31 -1.47 4.81
N GLY A 236 -30.81 -2.18 3.81
CA GLY A 236 -30.08 -2.41 2.58
C GLY A 236 -29.84 -1.10 1.87
N ARG A 237 -30.93 -0.37 1.60
CA ARG A 237 -30.89 0.93 0.95
C ARG A 237 -30.05 1.94 1.72
N THR A 238 -30.24 2.00 3.04
CA THR A 238 -29.52 2.91 3.95
C THR A 238 -28.02 2.64 3.90
N PHE A 239 -27.61 1.39 4.20
CA PHE A 239 -26.20 1.02 4.29
C PHE A 239 -25.49 0.69 3.02
N VAL A 240 -26.09 -0.11 2.14
CA VAL A 240 -25.39 -0.52 0.92
C VAL A 240 -25.66 0.37 -0.30
N ASN A 241 -26.90 0.79 -0.49
CA ASN A 241 -27.21 1.64 -1.64
C ASN A 241 -26.87 3.10 -1.41
N ASN A 242 -26.79 3.52 -0.16
CA ASN A 242 -26.48 4.91 0.15
C ASN A 242 -25.15 5.08 0.88
N LEU A 243 -25.12 4.71 2.16
CA LEU A 243 -23.94 4.88 2.99
C LEU A 243 -22.65 4.42 2.34
N LEU A 244 -22.61 3.18 1.78
CA LEU A 244 -21.45 2.58 1.12
C LEU A 244 -20.87 3.48 0.03
N ASN A 245 -21.75 4.10 -0.77
CA ASN A 245 -21.38 4.98 -1.86
C ASN A 245 -20.65 6.27 -1.47
N ILE A 246 -20.84 6.76 -0.22
CA ILE A 246 -20.15 7.97 0.25
C ILE A 246 -18.64 7.73 0.45
N PRO A 247 -18.18 6.76 1.30
CA PRO A 247 -16.74 6.47 1.37
C PRO A 247 -16.15 6.05 0.03
N LEU A 248 -16.92 5.38 -0.84
CA LEU A 248 -16.42 5.02 -2.18
C LEU A 248 -16.09 6.33 -2.94
N MET A 249 -17.08 7.26 -3.08
CA MET A 249 -16.88 8.55 -3.76
C MET A 249 -15.88 9.47 -3.05
N GLN A 250 -15.68 9.26 -1.72
CA GLN A 250 -14.67 9.94 -0.90
C GLN A 250 -13.28 9.54 -1.41
N GLN A 251 -13.13 8.29 -1.87
CA GLN A 251 -11.87 7.75 -2.40
C GLN A 251 -11.63 8.05 -3.91
N GLY A 252 -12.53 8.82 -4.54
CA GLY A 252 -12.42 9.13 -5.96
C GLY A 252 -12.87 7.96 -6.82
N LEU A 253 -13.68 7.04 -6.23
CA LEU A 253 -14.23 5.87 -6.89
C LEU A 253 -15.67 6.09 -7.37
N PRO A 254 -16.13 5.36 -8.41
CA PRO A 254 -17.52 5.50 -8.85
C PRO A 254 -18.46 4.81 -7.86
N PRO A 255 -19.74 5.20 -7.79
CA PRO A 255 -20.68 4.48 -6.92
C PRO A 255 -20.94 3.06 -7.50
N ALA A 256 -21.60 2.16 -6.73
CA ALA A 256 -21.84 0.77 -7.08
C ALA A 256 -23.18 0.41 -7.69
N THR A 257 -23.14 -0.36 -8.81
CA THR A 257 -24.30 -0.94 -9.50
C THR A 257 -24.28 -2.48 -9.25
N PHE A 258 -25.02 -2.94 -8.23
CA PHE A 258 -25.08 -4.35 -7.85
C PHE A 258 -25.98 -5.20 -8.69
N TYR A 259 -25.57 -6.46 -8.87
CA TYR A 259 -26.39 -7.47 -9.49
C TYR A 259 -27.25 -7.99 -8.31
N GLU A 260 -26.60 -8.26 -7.16
CA GLU A 260 -27.16 -8.80 -5.91
C GLU A 260 -26.46 -8.14 -4.67
N PRO A 261 -27.08 -7.10 -4.13
CA PRO A 261 -26.54 -6.40 -2.96
C PRO A 261 -26.96 -7.06 -1.65
N ASN A 262 -27.65 -8.19 -1.74
CA ASN A 262 -28.13 -8.90 -0.57
C ASN A 262 -27.13 -9.95 -0.09
N VAL A 263 -25.86 -9.56 -0.03
CA VAL A 263 -24.80 -10.46 0.41
C VAL A 263 -23.99 -9.84 1.55
N PHE A 264 -24.57 -8.83 2.19
CA PHE A 264 -23.90 -8.15 3.31
C PHE A 264 -24.18 -8.77 4.67
N ASP A 265 -24.67 -10.01 4.68
CA ASP A 265 -24.91 -10.74 5.93
C ASP A 265 -23.94 -11.90 6.15
N LEU A 266 -23.95 -12.86 5.23
CA LEU A 266 -23.16 -14.08 5.35
C LEU A 266 -22.00 -14.21 4.32
N TYR A 267 -21.48 -13.06 3.85
CA TYR A 267 -20.28 -13.03 3.00
C TYR A 267 -19.13 -12.41 3.84
N SER A 268 -17.89 -12.79 3.56
CA SER A 268 -16.77 -12.24 4.31
C SER A 268 -16.40 -10.86 3.78
N ALA A 269 -15.76 -10.07 4.60
CA ALA A 269 -15.26 -8.77 4.25
C ALA A 269 -14.40 -8.86 2.96
N GLU A 270 -13.46 -9.83 2.87
CA GLU A 270 -12.60 -10.00 1.69
C GLU A 270 -13.42 -10.35 0.42
N GLU A 271 -14.44 -11.21 0.59
CA GLU A 271 -15.34 -11.59 -0.49
C GLU A 271 -16.19 -10.39 -0.95
N LEU A 272 -16.56 -9.51 0.00
CA LEU A 272 -17.37 -8.32 -0.30
C LEU A 272 -16.62 -7.24 -1.09
N VAL A 273 -15.28 -7.22 -1.00
CA VAL A 273 -14.42 -6.25 -1.70
C VAL A 273 -14.53 -6.56 -3.17
N VAL A 274 -14.51 -7.88 -3.50
CA VAL A 274 -14.65 -8.42 -4.85
C VAL A 274 -16.04 -8.09 -5.37
N VAL A 275 -17.08 -8.29 -4.53
CA VAL A 275 -18.46 -8.01 -4.86
C VAL A 275 -18.63 -6.53 -5.21
N VAL A 276 -18.09 -5.62 -4.38
CA VAL A 276 -18.16 -4.18 -4.60
C VAL A 276 -17.36 -3.77 -5.85
N LYS A 277 -16.19 -4.35 -6.09
CA LYS A 277 -15.40 -4.05 -7.30
C LYS A 277 -16.20 -4.37 -8.58
N GLU A 278 -16.92 -5.53 -8.59
CA GLU A 278 -17.78 -5.95 -9.70
C GLU A 278 -18.87 -4.91 -9.92
N ALA A 279 -19.48 -4.41 -8.83
CA ALA A 279 -20.50 -3.35 -8.83
C ALA A 279 -19.98 -1.98 -9.37
N ILE A 280 -18.73 -1.60 -9.03
CA ILE A 280 -18.07 -0.37 -9.50
C ILE A 280 -17.82 -0.53 -11.02
N PHE A 281 -17.35 -1.72 -11.43
CA PHE A 281 -17.10 -2.10 -12.82
C PHE A 281 -18.40 -1.94 -13.65
N ASN A 282 -19.54 -2.40 -13.08
CA ASN A 282 -20.86 -2.25 -13.70
C ASN A 282 -21.13 -0.77 -14.01
N THR A 283 -20.92 0.14 -13.02
CA THR A 283 -21.09 1.61 -13.14
C THR A 283 -20.23 2.17 -14.29
N VAL A 284 -18.95 1.76 -14.35
CA VAL A 284 -17.99 2.18 -15.36
C VAL A 284 -18.46 1.71 -16.75
N GLU A 285 -19.01 0.47 -16.85
CA GLU A 285 -19.54 -0.09 -18.10
C GLU A 285 -20.75 0.67 -18.57
N ILE A 286 -21.70 0.99 -17.66
CA ILE A 286 -22.91 1.77 -17.93
C ILE A 286 -22.47 3.14 -18.52
N ILE A 287 -21.52 3.82 -17.84
CA ILE A 287 -21.01 5.13 -18.23
C ILE A 287 -20.34 5.09 -19.61
N GLU A 288 -19.42 4.14 -19.81
CA GLU A 288 -18.69 3.98 -21.06
C GLU A 288 -19.53 3.63 -22.26
N GLN A 289 -20.52 2.74 -22.08
CA GLN A 289 -21.42 2.34 -23.14
C GLN A 289 -22.27 3.52 -23.58
N SER A 290 -22.94 4.20 -22.62
CA SER A 290 -23.76 5.39 -22.90
C SER A 290 -22.95 6.51 -23.60
N LYS A 291 -21.66 6.65 -23.24
CA LYS A 291 -20.74 7.62 -23.85
C LYS A 291 -20.48 7.26 -25.33
N ARG A 292 -20.41 5.93 -25.63
CA ARG A 292 -20.17 5.37 -26.97
C ARG A 292 -21.48 5.26 -27.78
N LYS A 293 -22.63 5.65 -27.14
CA LYS A 293 -24.00 5.56 -27.69
C LYS A 293 -24.39 4.08 -27.99
N THR A 294 -23.67 3.16 -27.33
CA THR A 294 -23.84 1.71 -27.37
C THR A 294 -25.09 1.40 -26.52
N PRO A 295 -26.10 0.69 -27.07
CA PRO A 295 -27.27 0.36 -26.23
C PRO A 295 -26.87 -0.61 -25.11
N ILE A 296 -27.26 -0.32 -23.86
CA ILE A 296 -26.90 -1.20 -22.75
C ILE A 296 -27.85 -2.42 -22.67
N THR A 297 -27.24 -3.65 -22.62
CA THR A 297 -27.93 -4.96 -22.59
C THR A 297 -27.57 -5.83 -21.36
N LEU A 298 -26.72 -5.31 -20.44
CA LEU A 298 -26.25 -5.96 -19.22
C LEU A 298 -27.36 -6.57 -18.39
N TYR A 299 -27.09 -7.76 -17.86
CA TYR A 299 -27.99 -8.55 -17.01
C TYR A 299 -29.32 -8.94 -17.66
N GLY A 300 -29.27 -9.15 -18.98
CA GLY A 300 -30.37 -9.59 -19.84
C GLY A 300 -31.50 -8.60 -20.04
N TYR A 301 -31.19 -7.30 -20.06
CA TYR A 301 -32.24 -6.29 -20.19
C TYR A 301 -32.02 -5.25 -21.28
N HIS A 302 -32.97 -5.21 -22.21
CA HIS A 302 -33.02 -4.30 -23.37
C HIS A 302 -34.18 -3.36 -23.13
N SER A 303 -33.88 -2.14 -22.67
CA SER A 303 -34.90 -1.14 -22.37
C SER A 303 -35.58 -0.62 -23.64
N SER A 304 -36.92 -0.51 -23.57
CA SER A 304 -37.73 0.01 -24.65
C SER A 304 -37.78 1.53 -24.51
N LEU A 305 -38.19 2.23 -25.58
CA LEU A 305 -38.33 3.70 -25.52
C LEU A 305 -39.46 4.11 -24.57
N GLU A 306 -40.52 3.26 -24.47
CA GLU A 306 -41.66 3.44 -23.56
C GLU A 306 -41.20 3.43 -22.10
N GLU A 307 -40.35 2.43 -21.73
CA GLU A 307 -39.74 2.26 -20.40
C GLU A 307 -38.86 3.48 -20.06
N GLN A 308 -38.05 3.94 -21.05
CA GLN A 308 -37.16 5.09 -20.91
C GLN A 308 -37.93 6.40 -20.67
N THR A 309 -38.98 6.67 -21.47
CA THR A 309 -39.81 7.87 -21.28
C THR A 309 -40.58 7.84 -19.94
N LYS A 310 -41.08 6.64 -19.55
CA LYS A 310 -41.78 6.42 -18.27
C LYS A 310 -40.87 6.82 -17.08
N PHE A 311 -39.56 6.48 -17.14
CA PHE A 311 -38.63 6.81 -16.07
C PHE A 311 -38.33 8.32 -15.93
N ARG A 312 -38.16 9.05 -17.06
CA ARG A 312 -37.89 10.49 -17.03
C ARG A 312 -39.08 11.31 -16.57
N ASP A 313 -40.31 10.85 -16.86
CA ASP A 313 -41.53 11.51 -16.39
C ASP A 313 -41.66 11.31 -14.87
N MET A 314 -41.24 10.14 -14.39
CA MET A 314 -41.27 9.68 -13.00
C MET A 314 -40.20 10.35 -12.13
N LEU A 315 -38.96 10.50 -12.65
CA LEU A 315 -37.79 11.05 -11.96
C LEU A 315 -38.02 12.41 -11.32
N ASP A 316 -37.92 12.46 -9.97
CA ASP A 316 -38.10 13.68 -9.18
C ASP A 316 -37.10 13.74 -8.01
N SER A 317 -35.93 14.35 -8.27
CA SER A 317 -34.88 14.52 -7.27
C SER A 317 -34.14 15.86 -7.50
N PRO A 318 -34.51 16.92 -6.74
CA PRO A 318 -33.81 18.21 -6.92
C PRO A 318 -32.30 18.12 -6.67
N SER A 319 -31.89 17.26 -5.73
CA SER A 319 -30.48 17.03 -5.39
C SER A 319 -29.73 16.35 -6.53
N TYR A 320 -30.39 15.41 -7.25
CA TYR A 320 -29.77 14.74 -8.40
C TYR A 320 -29.64 15.71 -9.57
N GLU A 321 -30.64 16.57 -9.78
CA GLU A 321 -30.58 17.60 -10.85
C GLU A 321 -29.41 18.56 -10.57
N LYS A 322 -29.10 18.82 -9.28
CA LYS A 322 -27.98 19.66 -8.87
C LYS A 322 -26.67 18.98 -9.19
N ILE A 323 -26.51 17.69 -8.80
CA ILE A 323 -25.31 16.89 -9.07
C ILE A 323 -25.04 16.81 -10.58
N LYS A 324 -26.11 16.62 -11.37
CA LYS A 324 -26.10 16.54 -12.83
C LYS A 324 -25.49 17.79 -13.45
N HIS A 325 -25.73 18.96 -12.81
CA HIS A 325 -25.28 20.27 -13.28
C HIS A 325 -24.06 20.85 -12.58
N MET A 326 -23.40 20.07 -11.71
CA MET A 326 -22.17 20.46 -11.01
C MET A 326 -21.05 20.74 -12.01
N ASP A 327 -20.13 21.63 -11.65
CA ASP A 327 -19.01 22.00 -12.51
C ASP A 327 -17.88 20.95 -12.50
N PHE A 328 -17.77 20.19 -13.63
CA PHE A 328 -16.75 19.15 -13.84
C PHE A 328 -16.03 19.27 -15.20
N LEU A 331 -11.47 20.21 -14.91
CA LEU A 331 -10.78 19.13 -14.20
C LEU A 331 -10.44 17.94 -15.12
N ASN A 332 -9.17 17.47 -15.05
CA ASN A 332 -8.68 16.29 -15.79
C ASN A 332 -9.07 15.04 -15.00
N PRO A 333 -9.99 14.19 -15.55
CA PRO A 333 -10.39 12.98 -14.81
C PRO A 333 -9.38 11.82 -14.89
N GLU A 334 -8.21 12.04 -15.56
CA GLU A 334 -7.13 11.09 -15.77
C GLU A 334 -6.70 10.37 -14.48
N LYS A 335 -6.48 11.14 -13.38
CA LYS A 335 -6.08 10.60 -12.07
C LYS A 335 -7.17 9.67 -11.53
N LEU A 336 -8.44 10.13 -11.60
CA LEU A 336 -9.62 9.42 -11.15
C LEU A 336 -9.85 8.14 -11.96
N HIS A 337 -9.56 8.17 -13.27
CA HIS A 337 -9.70 7.01 -14.15
C HIS A 337 -8.60 5.98 -13.91
N LEU A 338 -7.34 6.43 -13.71
CA LEU A 338 -6.19 5.58 -13.44
C LEU A 338 -6.42 4.80 -12.13
N LYS A 339 -6.89 5.54 -11.08
CA LYS A 339 -7.20 5.02 -9.75
C LYS A 339 -8.25 3.95 -9.84
N THR A 340 -9.41 4.21 -10.54
CA THR A 340 -10.47 3.20 -10.67
C THR A 340 -10.08 2.02 -11.54
N GLN A 341 -9.28 2.25 -12.60
CA GLN A 341 -8.75 1.18 -13.46
C GLN A 341 -7.79 0.29 -12.69
N LYS A 342 -6.91 0.89 -11.84
CA LYS A 342 -5.94 0.18 -10.98
C LYS A 342 -6.75 -0.65 -9.97
N CYS A 343 -7.82 -0.04 -9.43
CA CYS A 343 -8.70 -0.69 -8.47
C CYS A 343 -9.36 -1.92 -9.05
N LEU A 344 -9.81 -1.85 -10.33
CA LEU A 344 -10.56 -2.92 -11.01
C LEU A 344 -9.73 -3.87 -11.82
N SER A 345 -8.40 -3.68 -11.88
CA SER A 345 -7.47 -4.54 -12.63
C SER A 345 -7.44 -5.99 -12.13
N SER A 346 -7.71 -6.19 -10.84
CA SER A 346 -7.73 -7.49 -10.14
C SER A 346 -8.87 -8.38 -10.61
N LEU A 347 -9.99 -7.75 -11.03
CA LEU A 347 -11.22 -8.38 -11.52
C LEU A 347 -11.00 -9.38 -12.63
N ASN A 348 -10.06 -9.06 -13.52
CA ASN A 348 -9.65 -9.78 -14.72
C ASN A 348 -9.29 -11.27 -14.48
N GLU A 349 -8.16 -11.49 -13.77
CA GLU A 349 -7.52 -12.77 -13.40
C GLU A 349 -8.45 -13.94 -13.08
N GLN A 350 -9.36 -13.73 -12.15
CA GLN A 350 -10.31 -14.72 -11.62
C GLN A 350 -11.52 -14.88 -12.57
N TYR A 351 -11.83 -16.15 -12.92
CA TYR A 351 -12.91 -16.61 -13.81
C TYR A 351 -13.20 -15.75 -15.10
N PRO A 352 -12.20 -15.59 -16.02
CA PRO A 352 -12.42 -14.74 -17.21
C PRO A 352 -13.47 -15.18 -18.22
N LEU A 353 -13.86 -16.46 -18.19
CA LEU A 353 -14.83 -16.94 -19.15
C LEU A 353 -16.24 -16.63 -18.69
N HIS A 354 -16.46 -16.72 -17.37
CA HIS A 354 -17.73 -16.41 -16.74
C HIS A 354 -17.99 -14.91 -16.91
N ARG A 355 -16.96 -14.06 -16.71
CA ARG A 355 -17.05 -12.61 -16.91
C ARG A 355 -17.32 -12.28 -18.38
N GLY A 356 -16.67 -13.02 -19.29
CA GLY A 356 -16.82 -12.88 -20.73
C GLY A 356 -18.23 -13.15 -21.20
N ALA A 357 -18.90 -14.16 -20.58
CA ALA A 357 -20.29 -14.51 -20.88
C ALA A 357 -21.24 -13.37 -20.47
N ILE A 358 -20.88 -12.63 -19.40
CA ILE A 358 -21.68 -11.53 -18.87
C ILE A 358 -21.49 -10.22 -19.65
N TYR A 359 -20.21 -9.85 -19.90
CA TYR A 359 -19.79 -8.56 -20.46
C TYR A 359 -19.34 -8.48 -21.92
N LEU A 360 -18.83 -9.57 -22.47
CA LEU A 360 -18.32 -9.55 -23.84
C LEU A 360 -19.39 -9.81 -24.89
N SER A 361 -19.24 -9.19 -26.07
CA SER A 361 -20.17 -9.35 -27.18
C SER A 361 -19.48 -9.41 -28.55
N ASP A 362 -18.19 -9.03 -28.64
CA ASP A 362 -17.45 -9.08 -29.90
C ASP A 362 -17.01 -10.51 -30.22
N PRO A 363 -17.51 -11.11 -31.33
CA PRO A 363 -17.10 -12.48 -31.68
C PRO A 363 -15.59 -12.69 -31.77
N GLY A 364 -14.86 -11.67 -32.27
CA GLY A 364 -13.41 -11.68 -32.38
C GLY A 364 -12.72 -11.72 -31.03
N GLU A 365 -13.22 -10.94 -30.05
CA GLU A 365 -12.69 -10.91 -28.68
C GLU A 365 -12.97 -12.22 -27.95
N ILE A 366 -14.16 -12.82 -28.21
CA ILE A 366 -14.64 -14.08 -27.64
C ILE A 366 -13.85 -15.28 -28.17
N LYS A 367 -13.58 -15.32 -29.49
CA LYS A 367 -12.80 -16.40 -30.14
C LYS A 367 -11.40 -16.48 -29.53
N LEU A 368 -10.79 -15.30 -29.34
CA LEU A 368 -9.48 -15.08 -28.77
C LEU A 368 -9.42 -15.47 -27.30
N LEU A 369 -10.49 -15.15 -26.52
CA LEU A 369 -10.55 -15.46 -25.09
C LEU A 369 -10.62 -16.96 -24.88
N LEU A 370 -11.45 -17.64 -25.68
CA LEU A 370 -11.66 -19.08 -25.64
C LEU A 370 -10.58 -19.89 -26.34
N SER A 371 -9.72 -19.19 -27.10
CA SER A 371 -8.58 -19.80 -27.80
C SER A 371 -7.60 -20.28 -26.77
N ASN A 372 -7.29 -21.59 -26.82
CA ASN A 372 -6.32 -22.26 -25.94
C ASN A 372 -6.81 -22.55 -24.51
N ARG A 373 -8.12 -22.51 -24.29
CA ARG A 373 -8.65 -22.86 -22.97
C ARG A 373 -8.86 -24.37 -22.95
N ASN A 374 -8.43 -25.04 -21.89
CA ASN A 374 -8.62 -26.49 -21.79
C ASN A 374 -10.05 -26.82 -21.31
N GLU A 375 -10.46 -28.11 -21.43
CA GLU A 375 -11.78 -28.65 -21.05
C GLU A 375 -12.21 -28.22 -19.65
N SER A 376 -11.34 -28.43 -18.64
CA SER A 376 -11.60 -28.07 -17.25
C SER A 376 -11.92 -26.56 -17.05
N GLN A 377 -11.30 -25.69 -17.86
CA GLN A 377 -11.52 -24.24 -17.85
C GLN A 377 -12.86 -23.89 -18.47
N ILE A 378 -13.16 -24.43 -19.67
CA ILE A 378 -14.43 -24.14 -20.35
C ILE A 378 -15.67 -24.70 -19.64
N ASN A 379 -15.49 -25.70 -18.76
CA ASN A 379 -16.60 -26.30 -17.99
C ASN A 379 -16.51 -26.00 -16.48
N GLN A 380 -15.74 -24.96 -16.13
CA GLN A 380 -15.52 -24.61 -14.73
C GLN A 380 -16.72 -24.03 -14.01
N GLN A 381 -17.03 -24.63 -12.85
CA GLN A 381 -18.10 -24.16 -11.98
C GLN A 381 -17.50 -23.41 -10.80
N ILE A 382 -17.85 -22.13 -10.67
CA ILE A 382 -17.27 -21.30 -9.61
C ILE A 382 -17.81 -21.72 -8.24
N GLU A 383 -16.94 -21.67 -7.26
CA GLU A 383 -17.25 -22.12 -5.92
C GLU A 383 -17.64 -21.00 -4.99
N GLN A 384 -18.32 -21.40 -3.91
CA GLN A 384 -18.80 -20.62 -2.78
C GLN A 384 -17.79 -19.52 -2.39
N GLY A 385 -18.29 -18.30 -2.21
CA GLY A 385 -17.47 -17.16 -1.79
C GLY A 385 -17.26 -16.13 -2.88
N ALA A 386 -17.43 -16.52 -4.13
CA ALA A 386 -17.29 -15.59 -5.25
C ALA A 386 -18.58 -14.74 -5.37
N PRO A 387 -18.60 -13.58 -6.07
CA PRO A 387 -19.88 -12.84 -6.22
C PRO A 387 -21.05 -13.79 -6.58
N PRO A 388 -22.22 -13.63 -5.91
CA PRO A 388 -23.35 -14.56 -6.09
C PRO A 388 -23.72 -15.06 -7.48
N ILE A 389 -23.58 -14.22 -8.50
CA ILE A 389 -23.92 -14.55 -9.90
C ILE A 389 -23.16 -15.74 -10.44
N TYR A 390 -21.94 -16.02 -9.93
CA TYR A 390 -21.04 -17.07 -10.44
C TYR A 390 -21.21 -18.44 -9.83
N VAL A 391 -21.51 -18.48 -8.51
CA VAL A 391 -21.59 -19.68 -7.69
C VAL A 391 -22.35 -20.87 -8.32
N GLY A 392 -21.59 -21.94 -8.59
CA GLY A 392 -22.07 -23.18 -9.19
C GLY A 392 -22.29 -23.15 -10.68
N LYS A 393 -21.98 -22.03 -11.34
CA LYS A 393 -22.25 -21.86 -12.77
C LYS A 393 -21.07 -22.06 -13.70
N THR A 394 -21.37 -22.50 -14.93
CA THR A 394 -20.37 -22.68 -15.99
C THR A 394 -20.44 -21.43 -16.90
N PRO A 395 -19.42 -21.16 -17.74
CA PRO A 395 -19.55 -20.06 -18.71
C PRO A 395 -20.80 -20.23 -19.60
N ALA A 396 -21.17 -21.50 -19.98
CA ALA A 396 -22.37 -21.80 -20.79
C ALA A 396 -23.65 -21.35 -20.09
N HIS A 397 -23.77 -21.64 -18.77
CA HIS A 397 -24.91 -21.25 -17.93
C HIS A 397 -25.11 -19.73 -18.01
N LEU A 398 -24.02 -18.95 -17.85
CA LEU A 398 -24.06 -17.50 -17.86
C LEU A 398 -24.27 -16.92 -19.24
N ALA A 399 -23.77 -17.62 -20.28
CA ALA A 399 -23.97 -17.21 -21.69
C ALA A 399 -25.48 -17.26 -22.00
N VAL A 400 -26.15 -18.36 -21.63
CA VAL A 400 -27.60 -18.53 -21.82
C VAL A 400 -28.39 -17.44 -21.02
N ILE A 401 -28.15 -17.34 -19.70
CA ILE A 401 -28.81 -16.38 -18.82
C ILE A 401 -28.70 -14.92 -19.33
N SER A 402 -27.48 -14.52 -19.76
CA SER A 402 -27.15 -13.20 -20.29
C SER A 402 -27.68 -13.03 -21.69
N GLY A 403 -28.00 -14.12 -22.39
CA GLY A 403 -28.48 -14.08 -23.77
C GLY A 403 -27.35 -13.70 -24.73
N ASN A 404 -26.13 -14.11 -24.39
CA ASN A 404 -24.90 -13.88 -25.11
C ASN A 404 -24.68 -14.98 -26.14
N MET A 405 -25.25 -14.78 -27.34
CA MET A 405 -25.21 -15.69 -28.46
C MET A 405 -23.77 -15.94 -28.95
N ALA A 406 -22.96 -14.86 -29.09
CA ALA A 406 -21.57 -14.96 -29.54
C ALA A 406 -20.73 -15.87 -28.64
N MET A 407 -20.95 -15.77 -27.31
CA MET A 407 -20.25 -16.61 -26.33
C MET A 407 -20.76 -18.04 -26.41
N LEU A 408 -22.11 -18.23 -26.49
CA LEU A 408 -22.70 -19.56 -26.56
C LEU A 408 -22.22 -20.33 -27.79
N ASP A 409 -22.19 -19.63 -28.95
CA ASP A 409 -21.70 -20.16 -30.23
C ASP A 409 -20.27 -20.64 -30.11
N GLU A 410 -19.39 -19.80 -29.53
CA GLU A 410 -17.99 -20.18 -29.33
C GLU A 410 -17.84 -21.33 -28.33
N LEU A 411 -18.66 -21.35 -27.25
CA LEU A 411 -18.64 -22.44 -26.27
C LEU A 411 -19.04 -23.77 -26.87
N ILE A 412 -19.98 -23.73 -27.82
CA ILE A 412 -20.45 -24.91 -28.56
C ILE A 412 -19.31 -25.41 -29.47
N ALA A 413 -18.63 -24.46 -30.18
CA ALA A 413 -17.49 -24.76 -31.03
C ALA A 413 -16.36 -25.38 -30.22
N LYS A 414 -16.20 -24.96 -28.95
CA LYS A 414 -15.20 -25.45 -28.00
C LYS A 414 -15.64 -26.75 -27.30
N LYS A 415 -16.84 -27.30 -27.69
CA LYS A 415 -17.40 -28.56 -27.19
C LYS A 415 -17.63 -28.54 -25.66
N ALA A 416 -18.23 -27.46 -25.17
CA ALA A 416 -18.57 -27.30 -23.76
C ALA A 416 -19.64 -28.31 -23.35
N ASP A 417 -19.53 -28.87 -22.13
CA ASP A 417 -20.51 -29.81 -21.58
C ASP A 417 -21.76 -29.02 -21.23
N LEU A 418 -22.82 -29.18 -22.05
CA LEU A 418 -24.08 -28.47 -21.87
C LEU A 418 -25.04 -29.19 -20.93
N SER A 419 -24.66 -30.37 -20.41
CA SER A 419 -25.48 -31.16 -19.50
C SER A 419 -25.19 -30.90 -18.01
N LEU A 420 -24.17 -30.07 -17.72
CA LEU A 420 -23.79 -29.71 -16.35
C LEU A 420 -24.91 -28.96 -15.62
N GLN A 421 -25.15 -29.35 -14.36
CA GLN A 421 -26.18 -28.74 -13.51
C GLN A 421 -25.54 -27.76 -12.56
N ASP A 422 -26.19 -26.62 -12.33
CA ASP A 422 -25.71 -25.63 -11.36
C ASP A 422 -26.20 -26.07 -9.95
N TYR A 423 -25.94 -25.26 -8.93
CA TYR A 423 -26.36 -25.60 -7.57
C TYR A 423 -27.87 -25.66 -7.34
N ASP A 424 -28.66 -25.25 -8.36
CA ASP A 424 -30.12 -25.30 -8.36
C ASP A 424 -30.66 -26.50 -9.18
N GLY A 425 -29.74 -27.35 -9.65
CA GLY A 425 -30.03 -28.51 -10.48
C GLY A 425 -30.35 -28.14 -11.92
N LYS A 426 -30.21 -26.85 -12.29
CA LYS A 426 -30.53 -26.39 -13.65
C LYS A 426 -29.37 -26.49 -14.64
N THR A 427 -29.68 -26.93 -15.86
CA THR A 427 -28.70 -27.01 -16.95
C THR A 427 -28.93 -25.76 -17.85
N ALA A 428 -28.07 -25.57 -18.86
CA ALA A 428 -28.18 -24.49 -19.84
C ALA A 428 -29.54 -24.56 -20.56
N LEU A 429 -30.06 -25.76 -20.78
CA LEU A 429 -31.38 -25.96 -21.38
C LEU A 429 -32.54 -25.49 -20.45
N HIS A 430 -32.46 -25.75 -19.11
CA HIS A 430 -33.48 -25.26 -18.17
C HIS A 430 -33.58 -23.72 -18.28
N TYR A 431 -32.41 -23.06 -18.37
CA TYR A 431 -32.28 -21.62 -18.49
C TYR A 431 -32.77 -21.07 -19.82
N ALA A 432 -32.48 -21.75 -20.93
CA ALA A 432 -32.93 -21.37 -22.28
C ALA A 432 -34.48 -21.34 -22.33
N ALA A 433 -35.13 -22.29 -21.63
CA ALA A 433 -36.59 -22.37 -21.54
C ALA A 433 -37.13 -21.23 -20.72
N GLU A 434 -36.59 -21.05 -19.50
CA GLU A 434 -37.00 -19.97 -18.59
C GLU A 434 -36.93 -18.58 -19.21
N CYS A 435 -35.86 -18.30 -19.96
CA CYS A 435 -35.64 -17.04 -20.67
C CYS A 435 -36.42 -16.98 -22.03
N GLY A 436 -37.06 -18.10 -22.42
CA GLY A 436 -37.85 -18.23 -23.64
C GLY A 436 -37.19 -17.85 -24.95
N ASN A 437 -35.87 -18.11 -25.05
CA ASN A 437 -35.12 -17.82 -26.28
C ASN A 437 -35.07 -19.08 -27.09
N MET A 438 -35.80 -19.09 -28.21
CA MET A 438 -35.90 -20.22 -29.13
C MET A 438 -34.57 -20.51 -29.84
N GLN A 439 -33.83 -19.46 -30.26
CA GLN A 439 -32.55 -19.71 -30.96
C GLN A 439 -31.53 -20.39 -30.05
N ILE A 440 -31.45 -19.95 -28.77
CA ILE A 440 -30.52 -20.56 -27.80
C ILE A 440 -30.91 -21.98 -27.53
N MET A 441 -32.19 -22.23 -27.22
CA MET A 441 -32.67 -23.60 -27.03
C MET A 441 -32.43 -24.51 -28.26
N GLY A 442 -32.70 -24.00 -29.46
CA GLY A 442 -32.47 -24.73 -30.71
C GLY A 442 -31.01 -25.13 -30.86
N LYS A 443 -30.09 -24.20 -30.59
CA LYS A 443 -28.65 -24.43 -30.67
C LYS A 443 -28.15 -25.46 -29.66
N ILE A 444 -28.69 -25.43 -28.41
CA ILE A 444 -28.38 -26.38 -27.35
C ILE A 444 -28.90 -27.77 -27.75
N LEU A 445 -30.18 -27.87 -28.16
CA LEU A 445 -30.82 -29.13 -28.61
C LEU A 445 -30.12 -29.82 -29.77
N LYS A 446 -29.67 -29.05 -30.79
CA LYS A 446 -28.91 -29.58 -31.94
C LYS A 446 -27.68 -30.35 -31.45
N VAL A 447 -27.07 -29.85 -30.36
CA VAL A 447 -25.90 -30.45 -29.73
C VAL A 447 -26.34 -31.68 -28.96
N VAL A 448 -27.26 -31.50 -27.99
CA VAL A 448 -27.79 -32.57 -27.15
C VAL A 448 -28.20 -33.78 -27.97
N LEU A 449 -28.94 -33.56 -29.08
CA LEU A 449 -29.39 -34.63 -29.95
C LEU A 449 -28.34 -35.27 -30.81
N SER A 450 -27.14 -34.67 -30.89
CA SER A 450 -26.00 -35.22 -31.63
C SER A 450 -25.17 -36.12 -30.70
N GLN A 451 -25.39 -35.97 -29.36
CA GLN A 451 -24.80 -36.74 -28.28
C GLN A 451 -25.58 -38.06 -28.15
N GLU A 452 -25.02 -39.04 -27.44
CA GLU A 452 -25.68 -40.33 -27.31
C GLU A 452 -26.68 -40.39 -26.15
N ASP A 453 -26.37 -39.70 -25.04
CA ASP A 453 -27.23 -39.67 -23.85
C ASP A 453 -28.39 -38.64 -23.93
N ALA A 454 -28.75 -38.21 -25.16
CA ALA A 454 -29.77 -37.19 -25.45
C ALA A 454 -31.01 -37.23 -24.54
N ILE A 455 -31.68 -38.39 -24.45
CA ILE A 455 -32.88 -38.62 -23.64
C ILE A 455 -32.64 -38.37 -22.15
N LYS A 456 -31.52 -38.90 -21.62
CA LYS A 456 -31.10 -38.72 -20.23
C LYS A 456 -30.89 -37.22 -19.99
N VAL A 457 -30.19 -36.53 -20.93
CA VAL A 457 -29.86 -35.10 -20.85
C VAL A 457 -31.12 -34.25 -20.80
N LEU A 458 -32.04 -34.47 -21.73
CA LEU A 458 -33.31 -33.74 -21.85
C LEU A 458 -34.20 -33.93 -20.63
N ASN A 459 -34.14 -35.13 -20.01
CA ASN A 459 -34.90 -35.51 -18.83
C ASN A 459 -34.29 -35.07 -17.50
N ILE A 460 -33.19 -34.30 -17.52
CA ILE A 460 -32.56 -33.81 -16.28
C ILE A 460 -33.53 -32.92 -15.52
N LYS A 461 -33.75 -33.28 -14.24
CA LYS A 461 -34.65 -32.59 -13.34
C LYS A 461 -33.85 -31.65 -12.44
N ASP A 462 -34.38 -30.45 -12.22
CA ASP A 462 -33.70 -29.49 -11.35
C ASP A 462 -34.11 -29.79 -9.90
N ASN A 463 -33.80 -28.90 -8.97
CA ASN A 463 -34.15 -29.07 -7.56
C ASN A 463 -35.65 -29.00 -7.28
N HIS A 464 -36.46 -28.59 -8.25
CA HIS A 464 -37.91 -28.54 -8.14
C HIS A 464 -38.53 -29.73 -8.82
N GLY A 465 -37.66 -30.64 -9.27
CA GLY A 465 -38.03 -31.86 -9.97
C GLY A 465 -38.58 -31.59 -11.34
N LYS A 466 -38.29 -30.40 -11.89
CA LYS A 466 -38.77 -29.95 -13.19
C LYS A 466 -37.73 -30.16 -14.26
N THR A 467 -38.21 -30.44 -15.44
CA THR A 467 -37.45 -30.66 -16.65
C THR A 467 -37.33 -29.29 -17.37
N ALA A 468 -36.35 -29.10 -18.30
CA ALA A 468 -36.24 -27.85 -19.06
C ALA A 468 -37.57 -27.55 -19.78
N PHE A 469 -38.25 -28.59 -20.26
CA PHE A 469 -39.51 -28.48 -20.98
C PHE A 469 -40.71 -28.14 -20.10
N HIS A 470 -40.68 -28.51 -18.78
CA HIS A 470 -41.69 -28.07 -17.81
C HIS A 470 -41.62 -26.55 -17.77
N TYR A 471 -40.39 -25.98 -17.73
CA TYR A 471 -40.16 -24.53 -17.76
C TYR A 471 -40.63 -23.87 -19.06
N ALA A 472 -40.31 -24.48 -20.22
CA ALA A 472 -40.71 -24.02 -21.56
C ALA A 472 -42.23 -23.91 -21.65
N ALA A 473 -42.95 -24.94 -21.13
CA ALA A 473 -44.41 -25.02 -21.11
C ALA A 473 -45.09 -23.98 -20.22
N GLU A 474 -44.34 -23.40 -19.28
CA GLU A 474 -44.80 -22.40 -18.30
C GLU A 474 -44.39 -21.00 -18.70
N PHE A 475 -43.67 -20.83 -19.85
CA PHE A 475 -43.19 -19.53 -20.32
C PHE A 475 -44.38 -18.66 -20.64
N GLY A 476 -44.61 -17.67 -19.77
CA GLY A 476 -45.80 -16.81 -19.79
C GLY A 476 -46.80 -17.26 -18.73
N THR A 477 -46.72 -16.65 -17.53
CA THR A 477 -47.59 -16.92 -16.37
C THR A 477 -49.03 -16.42 -16.63
N GLY B 1 -13.70 20.97 -0.06
CA GLY B 1 -13.60 22.38 -0.36
C GLY B 1 -12.18 22.91 -0.29
N VAL B 2 -12.03 24.24 -0.28
CA VAL B 2 -10.73 24.93 -0.23
C VAL B 2 -9.90 24.57 0.99
N LYS B 3 -8.67 24.14 0.72
CA LYS B 3 -7.67 23.74 1.72
C LYS B 3 -6.27 24.22 1.29
N ILE B 4 -5.39 24.50 2.28
CA ILE B 4 -3.99 24.87 2.04
C ILE B 4 -3.23 23.54 2.14
N MET B 5 -2.81 23.02 0.97
CA MET B 5 -2.08 21.76 0.86
C MET B 5 -0.60 22.10 0.58
N PRO B 6 0.27 22.20 1.63
CA PRO B 6 1.68 22.53 1.40
C PRO B 6 2.36 21.54 0.46
N ASN B 7 3.24 22.05 -0.40
CA ASN B 7 3.97 21.26 -1.39
C ASN B 7 4.93 20.28 -0.73
N LEU B 8 5.66 20.73 0.30
CA LEU B 8 6.59 19.93 1.08
C LEU B 8 6.15 20.00 2.53
N PRO B 9 5.15 19.19 2.97
CA PRO B 9 4.74 19.27 4.39
C PRO B 9 5.90 18.97 5.37
N GLY B 10 6.88 18.19 4.91
CA GLY B 10 8.08 17.83 5.67
C GLY B 10 8.98 18.99 6.03
N LEU B 11 8.64 20.24 5.59
CA LEU B 11 9.40 21.45 5.93
C LEU B 11 9.30 21.74 7.41
N TYR B 12 8.20 21.28 8.06
CA TYR B 12 7.94 21.33 9.50
C TYR B 12 9.16 20.78 10.26
N PHE B 13 9.79 19.69 9.74
CA PHE B 13 10.97 19.09 10.35
C PHE B 13 12.24 19.88 10.08
N LEU B 14 12.36 20.51 8.89
CA LEU B 14 13.52 21.35 8.59
C LEU B 14 13.53 22.59 9.49
N GLN B 15 12.34 23.12 9.80
CA GLN B 15 12.17 24.26 10.70
C GLN B 15 12.45 23.81 12.16
N ALA B 16 12.06 22.56 12.48
CA ALA B 16 12.20 21.95 13.79
C ALA B 16 13.63 21.59 14.10
N TYR B 17 14.46 21.31 13.04
CA TYR B 17 15.87 20.98 13.19
C TYR B 17 16.59 22.12 13.94
N PRO B 18 17.32 21.82 15.04
CA PRO B 18 18.02 22.89 15.77
C PRO B 18 19.11 23.58 14.94
N SER B 19 19.04 24.90 14.88
CA SER B 19 19.95 25.79 14.12
C SER B 19 21.43 25.51 14.36
N GLU B 20 21.84 25.37 15.63
CA GLU B 20 23.22 25.10 16.00
C GLU B 20 23.75 23.73 15.52
N GLU B 21 22.84 22.80 15.16
CA GLU B 21 23.13 21.45 14.74
C GLU B 21 22.88 21.19 13.25
N ILE B 22 22.42 22.21 12.51
CA ILE B 22 22.08 22.09 11.08
C ILE B 22 23.14 21.45 10.17
N TRP B 23 24.43 21.63 10.48
CA TRP B 23 25.56 21.07 9.73
C TRP B 23 25.48 19.52 9.64
N ARG B 24 24.77 18.88 10.60
CA ARG B 24 24.63 17.43 10.66
C ARG B 24 23.92 16.84 9.45
N LEU B 25 23.23 17.69 8.67
CA LEU B 25 22.51 17.31 7.46
C LEU B 25 23.45 17.13 6.26
N PHE B 26 24.72 17.52 6.40
CA PHE B 26 25.69 17.45 5.29
C PHE B 26 26.98 16.73 5.67
N VAL B 27 27.42 16.93 6.93
CA VAL B 27 28.63 16.34 7.49
C VAL B 27 28.31 14.92 7.92
N ASP B 28 28.82 13.91 7.17
CA ASP B 28 28.60 12.49 7.46
C ASP B 28 28.85 12.23 8.94
N GLY B 29 27.93 11.53 9.60
CA GLY B 29 28.05 11.15 11.00
C GLY B 29 29.38 10.51 11.37
N ARG B 30 29.98 9.77 10.41
CA ARG B 30 31.26 9.08 10.53
C ARG B 30 32.45 9.98 10.87
N PHE B 31 32.33 11.30 10.58
CA PHE B 31 33.38 12.30 10.81
C PHE B 31 33.35 12.94 12.18
N TRP B 32 32.16 13.11 12.74
CA TRP B 32 31.91 13.82 13.99
C TRP B 32 32.92 13.62 15.11
N SER B 33 33.07 12.37 15.58
CA SER B 33 33.97 11.98 16.68
C SER B 33 35.43 12.42 16.50
N LYS B 34 35.99 12.20 15.29
CA LYS B 34 37.39 12.50 15.03
C LYS B 34 37.70 13.84 14.40
N GLU B 35 36.69 14.52 13.82
CA GLU B 35 36.94 15.79 13.12
C GLU B 35 36.31 17.01 13.75
N ASN B 36 35.97 16.94 15.05
CA ASN B 36 35.32 18.03 15.82
C ASN B 36 34.02 18.46 15.14
N GLY B 37 33.20 17.47 14.84
CA GLY B 37 31.92 17.67 14.17
C GLY B 37 32.04 18.06 12.72
N TRP B 38 31.81 19.35 12.46
CA TRP B 38 31.78 19.95 11.12
C TRP B 38 33.08 20.56 10.65
N ARG B 39 34.04 20.72 11.58
CA ARG B 39 35.32 21.39 11.35
C ARG B 39 36.16 20.77 10.23
N GLY B 40 36.36 19.46 10.28
CA GLY B 40 37.14 18.74 9.26
C GLY B 40 36.55 18.94 7.87
N TYR B 41 35.22 18.68 7.75
CA TYR B 41 34.42 18.86 6.53
C TYR B 41 34.57 20.28 5.95
N GLU B 42 34.34 21.35 6.78
CA GLU B 42 34.45 22.75 6.38
C GLU B 42 35.81 23.12 5.83
N SER B 43 36.89 22.73 6.55
CA SER B 43 38.28 23.04 6.21
C SER B 43 38.69 22.48 4.84
N ARG B 44 38.15 21.30 4.49
CA ARG B 44 38.38 20.60 3.23
C ARG B 44 37.94 21.40 1.99
N GLU B 45 36.83 22.17 2.11
CA GLU B 45 36.25 23.03 1.06
C GLU B 45 35.56 24.24 1.72
N PRO B 46 36.31 25.30 2.13
CA PRO B 46 35.66 26.43 2.82
C PRO B 46 34.46 27.05 2.12
N GLY B 47 33.33 27.12 2.84
CA GLY B 47 32.08 27.66 2.35
C GLY B 47 31.11 26.65 1.77
N CYS B 48 31.52 25.38 1.69
CA CYS B 48 30.72 24.30 1.13
C CYS B 48 29.48 23.99 1.97
N LEU B 49 29.56 24.17 3.31
CA LEU B 49 28.45 23.91 4.22
C LEU B 49 27.32 24.91 4.02
N ASN B 50 27.67 26.21 3.92
CA ASN B 50 26.73 27.30 3.69
C ASN B 50 26.09 27.16 2.32
N ALA B 51 26.90 26.78 1.30
CA ALA B 51 26.42 26.55 -0.07
C ALA B 51 25.46 25.34 -0.11
N ALA B 52 25.78 24.26 0.63
CA ALA B 52 24.94 23.06 0.70
C ALA B 52 23.60 23.38 1.36
N LEU B 53 23.63 24.10 2.52
CA LEU B 53 22.44 24.51 3.26
C LEU B 53 21.56 25.39 2.39
N GLU B 54 22.17 26.46 1.81
CA GLU B 54 21.51 27.43 0.94
C GLU B 54 20.87 26.77 -0.28
N SER B 55 21.56 25.78 -0.88
CA SER B 55 21.06 25.07 -2.06
C SER B 55 19.76 24.36 -1.71
N LEU B 56 19.78 23.52 -0.65
CA LEU B 56 18.60 22.79 -0.19
C LEU B 56 17.45 23.71 0.17
N CYS B 57 17.74 24.73 1.00
CA CYS B 57 16.79 25.69 1.50
C CYS B 57 16.16 26.57 0.44
N SER B 58 16.96 27.16 -0.46
CA SER B 58 16.40 28.00 -1.53
C SER B 58 15.55 27.18 -2.48
N ILE B 59 16.06 26.01 -2.91
CA ILE B 59 15.33 25.14 -3.83
C ILE B 59 14.00 24.64 -3.21
N ALA B 60 13.97 24.36 -1.88
CA ALA B 60 12.77 23.95 -1.15
C ALA B 60 11.71 25.10 -1.13
N LEU B 61 12.16 26.35 -0.86
CA LEU B 61 11.30 27.54 -0.87
C LEU B 61 10.73 27.79 -2.25
N GLN B 62 11.51 27.51 -3.32
CA GLN B 62 11.08 27.68 -4.72
C GLN B 62 9.94 26.70 -5.01
N VAL B 63 10.12 25.42 -4.61
CA VAL B 63 9.11 24.39 -4.81
C VAL B 63 7.88 24.61 -3.92
N GLU B 64 8.07 25.17 -2.70
CA GLU B 64 6.97 25.48 -1.78
C GLU B 64 6.13 26.64 -2.29
N LYS B 65 6.77 27.66 -2.91
CA LYS B 65 6.10 28.84 -3.45
C LYS B 65 5.31 28.52 -4.71
N SER B 66 5.78 27.52 -5.49
CA SER B 66 5.22 27.08 -6.76
C SER B 66 3.73 26.72 -6.73
N GLY B 67 3.04 27.07 -7.81
CA GLY B 67 1.64 26.75 -8.02
C GLY B 67 1.52 25.37 -8.66
N GLU B 68 2.61 24.94 -9.33
CA GLU B 68 2.72 23.67 -10.02
C GLU B 68 3.04 22.55 -9.03
N GLU B 69 2.53 21.35 -9.30
CA GLU B 69 2.77 20.17 -8.48
C GLU B 69 4.22 19.73 -8.74
N PHE B 70 4.97 19.41 -7.67
CA PHE B 70 6.37 19.03 -7.77
C PHE B 70 6.70 17.80 -8.63
N GLU B 71 7.68 18.02 -9.53
CA GLU B 71 8.23 17.05 -10.47
C GLU B 71 9.72 17.32 -10.63
N LEU B 72 10.48 16.24 -10.82
CA LEU B 72 11.92 16.29 -11.06
C LEU B 72 12.17 16.73 -12.50
N SER B 73 13.27 17.44 -12.70
CA SER B 73 13.73 17.91 -14.02
C SER B 73 15.26 18.06 -14.06
N VAL B 74 15.84 17.91 -15.26
CA VAL B 74 17.28 18.09 -15.51
C VAL B 74 17.70 19.54 -15.13
N ASP B 75 16.75 20.48 -15.25
CA ASP B 75 16.91 21.88 -14.89
C ASP B 75 17.00 22.04 -13.37
N LEU B 76 16.16 21.32 -12.57
CA LEU B 76 16.25 21.40 -11.10
C LEU B 76 17.62 20.86 -10.61
N ILE B 77 18.05 19.73 -11.21
CA ILE B 77 19.33 19.05 -10.94
C ILE B 77 20.51 20.01 -11.16
N LYS B 78 20.56 20.69 -12.32
CA LYS B 78 21.60 21.65 -12.70
C LYS B 78 21.61 22.84 -11.73
N ARG B 79 20.42 23.32 -11.29
CA ARG B 79 20.26 24.43 -10.35
C ARG B 79 20.86 24.08 -8.98
N ILE B 80 20.61 22.84 -8.47
CA ILE B 80 21.15 22.34 -7.21
C ILE B 80 22.67 22.32 -7.27
N HIS B 81 23.24 21.71 -8.33
CA HIS B 81 24.69 21.62 -8.53
C HIS B 81 25.36 23.01 -8.60
N LYS B 82 24.70 23.95 -9.30
CA LYS B 82 25.19 25.32 -9.44
C LYS B 82 25.31 26.00 -8.06
N LYS B 83 24.28 25.85 -7.20
CA LYS B 83 24.22 26.42 -5.85
C LYS B 83 25.21 25.74 -4.88
N CYS B 84 25.48 24.42 -5.07
CA CYS B 84 26.40 23.60 -4.26
C CYS B 84 27.88 23.95 -4.43
N GLY B 85 28.17 24.79 -5.43
CA GLY B 85 29.52 25.27 -5.70
C GLY B 85 29.56 26.78 -5.89
N GLU B 90 36.95 25.84 -5.28
CA GLU B 90 37.11 24.40 -5.07
C GLU B 90 36.17 23.54 -5.94
N LEU B 91 34.98 24.09 -6.27
CA LEU B 91 33.97 23.51 -7.15
C LEU B 91 33.72 24.52 -8.27
N GLN B 92 34.43 25.66 -8.21
CA GLN B 92 34.39 26.77 -9.16
C GLN B 92 35.09 26.44 -10.48
N GLU B 93 36.22 25.70 -10.43
CA GLU B 93 36.99 25.30 -11.62
C GLU B 93 36.54 23.95 -12.22
N LYS B 94 35.38 23.44 -11.75
CA LYS B 94 34.73 22.19 -12.18
C LYS B 94 33.32 22.42 -12.77
N ASN B 95 33.13 23.60 -13.42
CA ASN B 95 31.90 24.10 -14.07
C ASN B 95 30.59 23.82 -13.27
N PRO B 96 30.20 24.71 -12.33
CA PRO B 96 28.98 24.44 -11.55
C PRO B 96 27.72 24.63 -12.38
N GLY B 97 26.83 23.65 -12.28
CA GLY B 97 25.57 23.63 -13.00
C GLY B 97 25.65 22.99 -14.38
N GLU B 98 26.88 22.68 -14.85
CA GLU B 98 27.06 22.04 -16.16
C GLU B 98 27.43 20.57 -16.08
N LEU B 99 26.77 19.77 -16.91
CA LEU B 99 26.93 18.32 -17.03
C LEU B 99 28.24 17.96 -17.72
N ARG B 100 28.78 16.74 -17.45
CA ARG B 100 29.98 16.20 -18.10
C ARG B 100 29.64 15.77 -19.54
N THR B 101 30.58 15.93 -20.45
CA THR B 101 30.44 15.42 -21.81
C THR B 101 31.22 14.11 -21.95
N ASP B 102 32.52 14.23 -22.25
CA ASP B 102 33.42 13.07 -22.33
C ASP B 102 34.52 13.16 -21.25
N GLU B 103 34.24 13.88 -20.16
CA GLU B 103 35.18 14.07 -19.06
C GLU B 103 35.29 12.81 -18.21
N PRO B 104 36.52 12.35 -17.89
CA PRO B 104 36.64 11.16 -17.04
C PRO B 104 36.39 11.48 -15.57
N VAL B 105 35.58 10.66 -14.93
CA VAL B 105 35.31 10.79 -13.49
C VAL B 105 35.36 9.40 -12.92
N SER B 106 36.14 9.22 -11.85
CA SER B 106 36.35 7.92 -11.25
C SER B 106 36.54 7.98 -9.75
N PHE B 107 36.29 6.86 -9.07
CA PHE B 107 36.48 6.70 -7.64
C PHE B 107 36.56 5.23 -7.28
N GLY B 108 37.16 4.96 -6.13
CA GLY B 108 37.24 3.61 -5.59
C GLY B 108 36.10 3.36 -4.61
N ILE B 109 35.68 2.10 -4.49
CA ILE B 109 34.63 1.71 -3.56
C ILE B 109 35.16 0.59 -2.63
N PRO B 110 35.16 0.79 -1.28
CA PRO B 110 35.56 -0.32 -0.39
C PRO B 110 34.38 -1.28 -0.15
N ALA B 111 34.63 -2.52 0.32
CA ALA B 111 33.58 -3.52 0.58
C ALA B 111 32.56 -3.01 1.60
N GLY B 112 33.00 -2.10 2.46
CA GLY B 112 32.17 -1.46 3.48
C GLY B 112 31.07 -0.57 2.94
N ARG B 113 31.14 -0.21 1.63
CA ARG B 113 30.17 0.66 0.92
C ARG B 113 29.42 -0.09 -0.18
N ALA B 114 29.57 -1.44 -0.19
CA ALA B 114 29.02 -2.38 -1.14
C ALA B 114 28.23 -3.49 -0.49
N SER B 115 27.41 -4.15 -1.29
CA SER B 115 26.59 -5.30 -0.92
C SER B 115 26.47 -6.20 -2.14
N ILE B 116 26.22 -7.51 -1.94
CA ILE B 116 26.01 -8.46 -3.04
C ILE B 116 24.82 -8.01 -3.94
N LYS B 117 23.62 -7.80 -3.33
CA LYS B 117 22.40 -7.38 -4.04
C LYS B 117 22.61 -6.04 -4.78
N GLY B 118 23.35 -5.12 -4.18
CA GLY B 118 23.69 -3.83 -4.75
C GLY B 118 24.60 -3.92 -5.96
N ILE B 119 25.60 -4.85 -5.96
CA ILE B 119 26.51 -5.09 -7.09
C ILE B 119 25.69 -5.70 -8.23
N GLU B 120 24.73 -6.60 -7.89
CA GLU B 120 23.81 -7.25 -8.83
C GLU B 120 23.07 -6.16 -9.63
N GLU B 121 22.47 -5.16 -8.94
CA GLU B 121 21.73 -4.07 -9.55
C GLU B 121 22.63 -3.16 -10.36
N PHE B 122 23.83 -2.86 -9.82
CA PHE B 122 24.85 -2.03 -10.44
C PHE B 122 25.24 -2.64 -11.82
N LEU B 123 25.57 -3.94 -11.87
CA LEU B 123 25.94 -4.64 -13.10
C LEU B 123 24.78 -4.73 -14.09
N SER B 124 23.55 -4.63 -13.57
CA SER B 124 22.29 -4.70 -14.34
C SER B 124 21.83 -3.39 -14.97
N LEU B 125 22.43 -2.23 -14.59
CA LEU B 125 22.07 -0.92 -15.13
C LEU B 125 22.51 -0.84 -16.59
N VAL B 126 21.53 -0.90 -17.52
CA VAL B 126 21.84 -0.92 -18.95
C VAL B 126 22.66 0.28 -19.47
N PHE B 127 22.42 1.50 -18.91
CA PHE B 127 23.14 2.71 -19.30
C PHE B 127 24.65 2.59 -19.07
N LEU B 128 25.06 1.86 -18.01
CA LEU B 128 26.48 1.62 -17.68
C LEU B 128 27.16 0.73 -18.71
N THR B 129 26.49 -0.35 -19.12
CA THR B 129 26.98 -1.33 -20.09
C THR B 129 27.14 -0.70 -21.48
N GLU B 130 26.10 0.03 -21.95
CA GLU B 130 26.13 0.69 -23.24
C GLU B 130 26.89 2.03 -23.30
N GLY B 131 26.98 2.72 -22.17
CA GLY B 131 27.66 4.01 -22.08
C GLY B 131 29.18 3.92 -21.91
N GLY B 132 29.68 2.69 -21.82
CA GLY B 132 31.10 2.40 -21.68
C GLY B 132 31.69 2.62 -20.30
N ALA B 133 30.90 2.37 -19.23
CA ALA B 133 31.40 2.51 -17.87
C ALA B 133 32.37 1.36 -17.56
N GLU B 134 33.38 1.63 -16.72
CA GLU B 134 34.36 0.62 -16.31
C GLU B 134 34.30 0.35 -14.82
N PHE B 135 34.38 -0.92 -14.43
CA PHE B 135 34.36 -1.34 -13.04
C PHE B 135 35.13 -2.62 -12.84
N GLY B 136 35.92 -2.65 -11.77
CA GLY B 136 36.67 -3.84 -11.40
C GLY B 136 37.88 -3.60 -10.55
N PRO B 137 38.62 -4.68 -10.21
CA PRO B 137 39.84 -4.51 -9.40
C PRO B 137 40.95 -3.84 -10.19
N GLY B 138 41.81 -3.13 -9.47
CA GLY B 138 42.94 -2.44 -10.07
C GLY B 138 43.72 -1.61 -9.08
N LYS B 139 44.41 -0.58 -9.59
CA LYS B 139 45.26 0.30 -8.80
C LYS B 139 44.89 1.75 -9.06
N ALA B 140 44.92 2.58 -8.01
CA ALA B 140 44.67 4.01 -8.13
C ALA B 140 45.92 4.67 -8.73
N GLY B 141 45.69 5.63 -9.60
CA GLY B 141 46.75 6.39 -10.24
C GLY B 141 46.52 7.89 -10.26
N PRO B 142 47.52 8.67 -10.73
CA PRO B 142 47.34 10.13 -10.78
C PRO B 142 46.34 10.63 -11.84
N PHE B 143 46.00 9.77 -12.84
CA PHE B 143 45.13 10.12 -13.97
C PHE B 143 43.93 9.18 -14.12
N GLY B 144 43.57 8.57 -13.01
CA GLY B 144 42.49 7.61 -12.96
C GLY B 144 43.00 6.22 -12.63
N PRO B 145 42.11 5.22 -12.55
CA PRO B 145 42.59 3.86 -12.20
C PRO B 145 43.25 3.08 -13.33
N ARG B 146 43.96 2.02 -12.93
CA ARG B 146 44.59 1.08 -13.85
C ARG B 146 44.01 -0.32 -13.64
N PHE B 147 42.83 -0.53 -14.21
CA PHE B 147 42.05 -1.77 -14.07
C PHE B 147 42.77 -3.04 -14.51
N ASP B 148 42.65 -4.09 -13.68
CA ASP B 148 43.20 -5.42 -13.94
C ASP B 148 42.12 -6.19 -14.70
N LYS B 149 40.84 -5.86 -14.41
CA LYS B 149 39.64 -6.46 -15.00
C LYS B 149 38.50 -5.44 -15.00
N ASN B 150 37.75 -5.42 -16.12
CA ASN B 150 36.57 -4.59 -16.30
C ASN B 150 35.39 -5.53 -16.53
N TYR B 151 34.49 -5.61 -15.53
CA TYR B 151 33.32 -6.50 -15.59
C TYR B 151 32.30 -6.12 -16.68
N PHE B 152 32.26 -4.85 -17.11
CA PHE B 152 31.36 -4.39 -18.16
C PHE B 152 31.82 -4.81 -19.57
N LYS B 153 33.09 -5.25 -19.72
CA LYS B 153 33.67 -5.75 -20.97
C LYS B 153 33.26 -7.21 -21.08
N ASN B 154 32.62 -7.59 -22.21
CA ASN B 154 32.12 -8.95 -22.51
C ASN B 154 31.23 -9.52 -21.38
N LEU B 155 30.42 -8.66 -20.72
CA LEU B 155 29.53 -9.02 -19.62
C LEU B 155 28.40 -9.99 -20.01
N ASN B 156 28.30 -11.13 -19.30
CA ASN B 156 27.21 -12.08 -19.52
C ASN B 156 26.11 -11.81 -18.46
N PRO B 157 24.89 -11.43 -18.87
CA PRO B 157 23.84 -11.13 -17.87
C PRO B 157 23.45 -12.28 -16.95
N GLU B 158 23.51 -13.53 -17.46
CA GLU B 158 23.20 -14.76 -16.71
C GLU B 158 24.22 -14.94 -15.56
N GLN B 159 25.45 -14.45 -15.78
CA GLN B 159 26.57 -14.52 -14.84
C GLN B 159 26.51 -13.48 -13.71
N ILE B 160 25.73 -12.38 -13.91
CA ILE B 160 25.66 -11.29 -12.92
C ILE B 160 25.38 -11.73 -11.45
N PRO B 161 24.46 -12.69 -11.13
CA PRO B 161 24.29 -13.07 -9.72
C PRO B 161 25.53 -13.67 -9.07
N ASP B 162 26.23 -14.59 -9.77
CA ASP B 162 27.46 -15.25 -9.31
C ASP B 162 28.66 -14.30 -9.27
N LEU B 163 28.75 -13.39 -10.26
CA LEU B 163 29.79 -12.37 -10.38
C LEU B 163 29.73 -11.43 -9.16
N ALA B 164 28.52 -11.00 -8.77
CA ALA B 164 28.27 -10.15 -7.60
C ALA B 164 28.85 -10.75 -6.30
N LYS B 165 28.62 -12.08 -6.07
CA LYS B 165 29.05 -12.86 -4.91
C LYS B 165 30.57 -12.88 -4.84
N GLN B 166 31.20 -13.10 -6.03
CA GLN B 166 32.64 -13.16 -6.26
C GLN B 166 33.25 -11.77 -6.06
N ILE B 167 32.70 -10.73 -6.77
CA ILE B 167 33.16 -9.33 -6.66
C ILE B 167 33.20 -8.92 -5.20
N TYR B 168 32.04 -9.04 -4.48
CA TYR B 168 31.96 -8.69 -3.06
C TYR B 168 33.00 -9.43 -2.21
N PHE B 169 33.17 -10.74 -2.44
CA PHE B 169 34.16 -11.51 -1.71
C PHE B 169 35.58 -10.96 -1.93
N ASP B 170 35.91 -10.62 -3.21
CA ASP B 170 37.22 -10.08 -3.60
C ASP B 170 37.49 -8.80 -2.85
N MET B 171 36.53 -7.84 -2.91
CA MET B 171 36.56 -6.54 -2.21
C MET B 171 36.71 -6.77 -0.72
N CYS B 172 35.99 -7.76 -0.17
CA CYS B 172 36.02 -8.06 1.26
C CYS B 172 37.33 -8.67 1.73
N LYS B 173 37.99 -9.44 0.84
CA LYS B 173 39.28 -10.09 1.04
C LYS B 173 40.38 -9.04 1.08
N TYR B 174 40.32 -8.00 0.20
CA TYR B 174 41.32 -6.93 0.17
C TYR B 174 41.33 -6.14 1.48
N GLY B 175 40.16 -6.00 2.07
CA GLY B 175 39.97 -5.30 3.31
C GLY B 175 38.69 -4.51 3.22
N HIS B 176 37.87 -4.67 4.24
CA HIS B 176 36.58 -4.01 4.38
C HIS B 176 36.61 -2.50 4.19
N SER B 177 37.63 -1.84 4.74
CA SER B 177 37.81 -0.38 4.67
C SER B 177 38.89 0.01 3.65
N ASN B 178 39.41 -0.98 2.92
CA ASN B 178 40.44 -0.73 1.92
C ASN B 178 39.84 -0.76 0.53
N THR B 179 40.47 -0.07 -0.41
CA THR B 179 40.00 0.04 -1.78
C THR B 179 40.90 -0.68 -2.77
N ASN B 180 40.31 -1.61 -3.52
CA ASN B 180 40.94 -2.49 -4.52
C ASN B 180 40.20 -2.35 -5.84
N HIS B 181 38.86 -2.09 -5.75
CA HIS B 181 37.91 -1.95 -6.85
C HIS B 181 37.59 -0.49 -7.15
N PHE B 182 37.65 -0.16 -8.43
CA PHE B 182 37.43 1.20 -8.90
C PHE B 182 36.33 1.25 -9.94
N TYR B 183 35.79 2.45 -10.11
CA TYR B 183 34.73 2.69 -11.04
C TYR B 183 35.09 3.90 -11.88
N LEU B 184 35.06 3.75 -13.20
CA LEU B 184 35.26 4.82 -14.16
C LEU B 184 33.90 5.00 -14.82
N ALA B 185 33.28 6.17 -14.59
CA ALA B 185 31.96 6.48 -15.11
C ALA B 185 31.91 6.64 -16.64
N VAL B 186 30.69 6.61 -17.16
CA VAL B 186 30.26 6.77 -18.54
C VAL B 186 30.84 8.08 -19.12
N MET B 187 31.34 8.05 -20.38
CA MET B 187 31.91 9.24 -21.02
C MET B 187 31.20 9.64 -22.34
N LYS B 188 29.89 9.37 -22.39
CA LYS B 188 29.00 9.63 -23.53
C LYS B 188 27.54 9.53 -23.06
N ASN B 189 26.65 10.22 -23.75
CA ASN B 189 25.21 10.21 -23.51
C ASN B 189 24.76 10.56 -22.09
N VAL B 190 25.62 11.23 -21.29
CA VAL B 190 25.26 11.60 -19.92
C VAL B 190 23.96 12.42 -19.82
N ASP B 191 23.77 13.36 -20.75
CA ASP B 191 22.57 14.19 -20.89
C ASP B 191 21.31 13.35 -21.16
N VAL B 192 21.47 12.33 -22.02
CA VAL B 192 20.43 11.39 -22.45
C VAL B 192 20.05 10.47 -21.29
N TYR B 193 21.06 9.91 -20.60
CA TYR B 193 20.87 9.03 -19.44
C TYR B 193 20.25 9.80 -18.26
N LEU B 194 20.67 11.07 -18.05
CA LEU B 194 20.12 11.93 -17.01
C LEU B 194 18.61 12.17 -17.26
N GLU B 195 18.23 12.36 -18.55
CA GLU B 195 16.84 12.54 -18.95
C GLU B 195 16.01 11.27 -18.75
N LYS B 196 16.58 10.09 -19.08
CA LYS B 196 15.88 8.81 -18.91
C LYS B 196 15.58 8.54 -17.44
N ILE B 197 16.55 8.81 -16.53
CA ILE B 197 16.38 8.61 -15.08
C ILE B 197 15.26 9.51 -14.53
N THR B 198 15.25 10.79 -14.93
CA THR B 198 14.24 11.78 -14.55
C THR B 198 12.86 11.36 -15.02
N GLN B 199 12.72 10.98 -16.31
CA GLN B 199 11.45 10.54 -16.88
C GLN B 199 10.95 9.29 -16.15
N SER B 200 11.87 8.36 -15.79
CA SER B 200 11.59 7.13 -15.08
C SER B 200 11.07 7.42 -13.68
N TYR B 201 11.69 8.39 -12.94
CA TYR B 201 11.24 8.74 -11.59
C TYR B 201 9.82 9.29 -11.64
N ASN B 202 9.60 10.33 -12.46
CA ASN B 202 8.29 10.97 -12.60
C ASN B 202 7.18 10.01 -13.01
N LYS B 203 7.53 8.97 -13.82
CA LYS B 203 6.60 7.94 -14.27
C LYS B 203 6.26 7.02 -13.10
N GLU B 204 7.31 6.44 -12.49
CA GLU B 204 7.23 5.45 -11.42
C GLU B 204 6.68 5.91 -10.07
N ILE B 205 6.89 7.17 -9.70
CA ILE B 205 6.38 7.73 -8.44
C ILE B 205 4.86 7.85 -8.46
N LYS B 206 4.27 8.02 -9.67
CA LYS B 206 2.82 8.12 -9.87
C LYS B 206 2.12 6.77 -9.57
N THR B 207 2.77 5.64 -9.87
CA THR B 207 2.23 4.30 -9.63
C THR B 207 2.74 3.67 -8.32
N ALA B 208 3.23 4.49 -7.35
CA ALA B 208 3.73 4.04 -6.05
C ALA B 208 2.70 4.49 -5.01
N GLU B 209 1.86 3.54 -4.52
CA GLU B 209 0.75 3.85 -3.62
C GLU B 209 1.12 4.20 -2.19
N THR B 210 1.94 3.37 -1.55
CA THR B 210 2.34 3.55 -0.16
C THR B 210 3.64 4.35 -0.04
N LEU B 211 3.89 4.90 1.18
CA LEU B 211 5.12 5.61 1.49
C LEU B 211 6.33 4.68 1.22
N ASP B 212 6.25 3.42 1.69
CA ASP B 212 7.32 2.43 1.49
C ASP B 212 7.64 2.23 0.03
N GLU B 213 6.58 2.08 -0.81
CA GLU B 213 6.69 1.96 -2.27
C GLU B 213 7.34 3.23 -2.85
N LYS B 214 6.89 4.43 -2.39
CA LYS B 214 7.42 5.73 -2.80
C LYS B 214 8.90 5.88 -2.45
N LEU B 215 9.27 5.48 -1.23
CA LEU B 215 10.64 5.49 -0.73
C LEU B 215 11.57 4.64 -1.61
N LYS B 216 11.10 3.45 -2.05
CA LYS B 216 11.90 2.59 -2.92
C LYS B 216 12.16 3.26 -4.27
N ILE B 217 11.14 3.90 -4.87
CA ILE B 217 11.27 4.62 -6.14
C ILE B 217 12.26 5.78 -5.98
N ILE B 218 12.12 6.61 -4.92
CA ILE B 218 13.01 7.73 -4.64
C ILE B 218 14.48 7.26 -4.60
N VAL B 219 14.80 6.27 -3.73
CA VAL B 219 16.15 5.76 -3.56
C VAL B 219 16.76 5.10 -4.81
N LYS B 220 15.94 4.37 -5.58
CA LYS B 220 16.34 3.69 -6.81
C LYS B 220 16.83 4.71 -7.84
N HIS B 221 16.17 5.87 -7.88
CA HIS B 221 16.49 6.93 -8.82
C HIS B 221 17.64 7.79 -8.35
N ILE B 222 17.72 8.08 -7.03
CA ILE B 222 18.83 8.82 -6.44
C ILE B 222 20.11 8.00 -6.64
N ARG B 223 20.00 6.67 -6.51
CA ARG B 223 21.11 5.75 -6.71
C ARG B 223 21.56 5.83 -8.19
N MET B 224 20.62 5.65 -9.16
CA MET B 224 20.94 5.72 -10.59
C MET B 224 21.63 7.06 -10.94
N TYR B 225 21.16 8.17 -10.34
CA TYR B 225 21.70 9.52 -10.51
C TYR B 225 23.14 9.61 -10.00
N GLU B 226 23.44 8.94 -8.88
CA GLU B 226 24.76 8.95 -8.28
C GLU B 226 25.72 8.06 -9.09
N VAL B 227 25.26 6.87 -9.48
CA VAL B 227 26.00 5.90 -10.30
C VAL B 227 26.34 6.52 -11.65
N LEU B 228 25.37 7.12 -12.37
CA LEU B 228 25.66 7.87 -13.59
C LEU B 228 26.27 9.09 -12.95
N HIS B 229 27.56 9.27 -13.02
CA HIS B 229 28.13 10.41 -12.29
C HIS B 229 27.99 11.59 -13.26
N PRO B 230 26.92 12.44 -13.21
CA PRO B 230 26.74 13.44 -14.28
C PRO B 230 27.64 14.66 -14.23
N PHE B 231 28.09 15.04 -13.04
CA PHE B 231 28.92 16.21 -12.81
C PHE B 231 30.35 15.84 -12.46
N ARG B 232 31.30 16.78 -12.69
CA ARG B 232 32.74 16.62 -12.40
C ARG B 232 32.94 16.26 -10.93
N ASP B 233 32.17 16.90 -10.04
CA ASP B 233 32.12 16.62 -8.59
C ASP B 233 30.78 17.14 -8.03
N ALA B 234 30.62 17.09 -6.69
CA ALA B 234 29.44 17.48 -5.91
C ALA B 234 28.20 16.65 -6.17
N ASN B 235 28.36 15.47 -6.78
CA ASN B 235 27.26 14.55 -7.06
C ASN B 235 26.54 14.11 -5.75
N GLY B 236 27.31 13.69 -4.73
CA GLY B 236 26.81 13.27 -3.43
C GLY B 236 25.93 14.35 -2.81
N ARG B 237 26.47 15.55 -2.67
CA ARG B 237 25.75 16.70 -2.13
C ARG B 237 24.52 17.03 -2.95
N THR B 238 24.66 17.05 -4.30
CA THR B 238 23.58 17.35 -5.24
C THR B 238 22.43 16.36 -5.09
N PHE B 239 22.72 15.05 -5.26
CA PHE B 239 21.71 14.01 -5.23
C PHE B 239 21.27 13.49 -3.89
N VAL B 240 22.21 13.22 -2.97
CA VAL B 240 21.82 12.64 -1.69
C VAL B 240 21.58 13.65 -0.57
N ASN B 241 22.42 14.67 -0.49
CA ASN B 241 22.24 15.67 0.57
C ASN B 241 21.19 16.71 0.23
N ASN B 242 20.92 16.90 -1.06
CA ASN B 242 19.93 17.90 -1.49
C ASN B 242 18.70 17.27 -2.15
N LEU B 243 18.87 16.81 -3.38
CA LEU B 243 17.78 16.25 -4.16
C LEU B 243 16.91 15.26 -3.40
N LEU B 244 17.53 14.25 -2.74
CA LEU B 244 16.84 13.21 -1.96
C LEU B 244 15.87 13.79 -0.93
N ASN B 245 16.30 14.85 -0.23
CA ASN B 245 15.53 15.51 0.80
C ASN B 245 14.22 16.20 0.33
N ILE B 246 14.14 16.59 -0.97
CA ILE B 246 12.91 17.20 -1.49
C ILE B 246 11.75 16.20 -1.61
N PRO B 247 11.88 15.04 -2.34
CA PRO B 247 10.80 14.04 -2.31
C PRO B 247 10.49 13.51 -0.89
N LEU B 248 11.48 13.50 0.04
CA LEU B 248 11.27 13.08 1.44
C LEU B 248 10.28 14.02 2.12
N MET B 249 10.59 15.33 2.09
CA MET B 249 9.74 16.40 2.64
C MET B 249 8.41 16.52 1.90
N GLN B 250 8.39 16.16 0.58
CA GLN B 250 7.19 16.13 -0.25
C GLN B 250 6.20 15.13 0.35
N GLN B 251 6.73 14.02 0.91
CA GLN B 251 5.94 12.95 1.55
C GLN B 251 5.61 13.25 3.01
N GLY B 252 6.00 14.43 3.49
CA GLY B 252 5.79 14.86 4.87
C GLY B 252 6.76 14.25 5.85
N LEU B 253 7.88 13.74 5.33
CA LEU B 253 8.96 13.08 6.08
C LEU B 253 10.07 14.07 6.48
N PRO B 254 10.82 13.79 7.57
CA PRO B 254 11.93 14.68 7.92
C PRO B 254 13.10 14.48 6.95
N PRO B 255 13.99 15.48 6.78
CA PRO B 255 15.18 15.28 5.94
C PRO B 255 16.13 14.27 6.63
N ALA B 256 17.15 13.78 5.90
CA ALA B 256 18.10 12.74 6.36
C ALA B 256 19.43 13.20 6.92
N THR B 257 19.79 12.67 8.10
CA THR B 257 21.08 12.88 8.77
C THR B 257 21.85 11.55 8.61
N PHE B 258 22.77 11.49 7.65
CA PHE B 258 23.52 10.27 7.36
C PHE B 258 24.75 10.03 8.21
N TYR B 259 25.04 8.76 8.51
CA TYR B 259 26.28 8.36 9.16
C TYR B 259 27.28 8.23 8.01
N GLU B 260 26.86 7.53 6.96
CA GLU B 260 27.64 7.26 5.77
C GLU B 260 26.68 7.31 4.55
N PRO B 261 26.59 8.48 3.85
CA PRO B 261 25.70 8.57 2.69
C PRO B 261 26.30 7.96 1.42
N ASN B 262 27.62 7.72 1.44
CA ASN B 262 28.36 7.21 0.29
C ASN B 262 28.14 5.71 0.04
N VAL B 263 26.87 5.32 0.02
CA VAL B 263 26.43 3.95 -0.28
C VAL B 263 25.49 3.92 -1.47
N PHE B 264 25.35 5.05 -2.17
CA PHE B 264 24.47 5.21 -3.34
C PHE B 264 25.08 4.75 -4.66
N ASP B 265 26.02 3.81 -4.57
CA ASP B 265 26.66 3.25 -5.76
C ASP B 265 26.53 1.72 -5.83
N LEU B 266 26.97 1.04 -4.77
CA LEU B 266 26.97 -0.42 -4.73
C LEU B 266 26.03 -1.06 -3.69
N TYR B 267 24.99 -0.32 -3.22
CA TYR B 267 23.93 -0.82 -2.32
C TYR B 267 22.66 -0.99 -3.16
N SER B 268 21.77 -1.92 -2.77
CA SER B 268 20.52 -2.11 -3.53
C SER B 268 19.49 -1.04 -3.14
N ALA B 269 18.45 -0.84 -3.97
CA ALA B 269 17.37 0.13 -3.70
C ALA B 269 16.71 -0.23 -2.35
N GLU B 270 16.38 -1.52 -2.11
CA GLU B 270 15.76 -2.03 -0.88
C GLU B 270 16.63 -1.69 0.33
N GLU B 271 17.96 -1.96 0.22
CA GLU B 271 18.95 -1.68 1.26
C GLU B 271 19.07 -0.23 1.56
N LEU B 272 18.97 0.60 0.53
CA LEU B 272 19.02 2.06 0.67
C LEU B 272 17.82 2.65 1.38
N VAL B 273 16.66 1.96 1.35
CA VAL B 273 15.41 2.40 2.01
C VAL B 273 15.67 2.34 3.51
N VAL B 274 16.34 1.28 3.94
CA VAL B 274 16.75 1.04 5.33
C VAL B 274 17.75 2.07 5.75
N VAL B 275 18.73 2.36 4.88
CA VAL B 275 19.75 3.37 5.11
C VAL B 275 19.11 4.73 5.33
N VAL B 276 18.20 5.12 4.46
CA VAL B 276 17.50 6.41 4.53
C VAL B 276 16.58 6.47 5.77
N LYS B 277 15.88 5.37 6.13
CA LYS B 277 15.04 5.35 7.34
C LYS B 277 15.88 5.60 8.61
N GLU B 278 17.07 4.96 8.67
CA GLU B 278 18.08 5.09 9.71
C GLU B 278 18.48 6.59 9.83
N ALA B 279 18.64 7.28 8.68
CA ALA B 279 19.03 8.70 8.60
C ALA B 279 17.93 9.67 9.03
N ILE B 280 16.67 9.34 8.70
CA ILE B 280 15.48 10.08 9.10
C ILE B 280 15.35 9.96 10.63
N PHE B 281 15.59 8.76 11.18
CA PHE B 281 15.57 8.47 12.62
C PHE B 281 16.60 9.36 13.35
N ASN B 282 17.81 9.52 12.76
CA ASN B 282 18.84 10.39 13.30
C ASN B 282 18.31 11.82 13.43
N THR B 283 17.66 12.37 12.38
CA THR B 283 17.04 13.71 12.37
C THR B 283 16.00 13.86 13.50
N VAL B 284 15.12 12.86 13.67
CA VAL B 284 14.08 12.82 14.70
C VAL B 284 14.73 12.82 16.10
N GLU B 285 15.85 12.05 16.28
CA GLU B 285 16.59 12.00 17.54
C GLU B 285 17.23 13.33 17.87
N ILE B 286 17.86 14.00 16.86
CA ILE B 286 18.49 15.32 17.01
C ILE B 286 17.40 16.31 17.49
N ILE B 287 16.23 16.32 16.80
CA ILE B 287 15.12 17.21 17.11
C ILE B 287 14.58 16.97 18.52
N GLU B 288 14.28 15.70 18.87
CA GLU B 288 13.74 15.33 20.17
C GLU B 288 14.66 15.59 21.35
N GLN B 289 15.97 15.32 21.18
CA GLN B 289 16.96 15.58 22.22
C GLN B 289 17.08 17.07 22.50
N SER B 290 17.27 17.90 21.43
CA SER B 290 17.36 19.36 21.56
C SER B 290 16.09 19.96 22.20
N LYS B 291 14.91 19.37 21.93
CA LYS B 291 13.63 19.79 22.51
C LYS B 291 13.60 19.50 24.03
N ARG B 292 14.25 18.37 24.44
CA ARG B 292 14.35 17.92 25.84
C ARG B 292 15.54 18.59 26.52
N LYS B 293 16.30 19.44 25.76
CA LYS B 293 17.51 20.15 26.19
C LYS B 293 18.62 19.16 26.64
N THR B 294 18.51 17.93 26.12
CA THR B 294 19.40 16.79 26.32
C THR B 294 20.61 17.08 25.43
N PRO B 295 21.85 17.06 25.96
CA PRO B 295 23.02 17.31 25.09
C PRO B 295 23.16 16.18 24.08
N ILE B 296 23.20 16.57 22.79
CA ILE B 296 23.31 15.59 21.72
C ILE B 296 24.70 14.95 21.79
N THR B 297 24.71 13.60 21.85
CA THR B 297 25.90 12.79 22.10
C THR B 297 26.12 11.66 21.05
N LEU B 298 25.38 11.75 19.92
CA LEU B 298 25.37 10.82 18.78
C LEU B 298 26.70 10.72 18.07
N TYR B 299 27.07 9.47 17.69
CA TYR B 299 28.31 9.11 17.00
C TYR B 299 29.60 9.54 17.73
N GLY B 300 29.56 9.41 19.06
CA GLY B 300 30.66 9.72 19.95
C GLY B 300 31.22 11.13 19.87
N TYR B 301 30.39 12.10 19.44
CA TYR B 301 30.76 13.52 19.38
C TYR B 301 30.03 14.35 20.47
N HIS B 302 30.80 15.14 21.25
CA HIS B 302 30.32 16.02 22.32
C HIS B 302 30.79 17.40 21.97
N SER B 303 29.89 18.24 21.45
CA SER B 303 30.25 19.59 21.02
C SER B 303 30.58 20.51 22.17
N SER B 304 31.65 21.28 22.01
CA SER B 304 32.09 22.27 23.00
C SER B 304 31.34 23.57 22.73
N LEU B 305 31.33 24.49 23.71
CA LEU B 305 30.69 25.78 23.52
C LEU B 305 31.44 26.62 22.46
N GLU B 306 32.78 26.45 22.37
CA GLU B 306 33.67 27.10 21.40
C GLU B 306 33.26 26.69 19.97
N GLU B 307 33.05 25.36 19.74
CA GLU B 307 32.62 24.75 18.47
C GLU B 307 31.24 25.31 18.08
N GLN B 308 30.30 25.38 19.06
CA GLN B 308 28.95 25.90 18.87
C GLN B 308 28.93 27.38 18.47
N THR B 309 29.71 28.23 19.18
CA THR B 309 29.79 29.66 18.83
C THR B 309 30.45 29.87 17.46
N LYS B 310 31.50 29.09 17.14
CA LYS B 310 32.20 29.12 15.85
C LYS B 310 31.23 28.85 14.69
N PHE B 311 30.31 27.87 14.85
CA PHE B 311 29.31 27.54 13.84
C PHE B 311 28.24 28.64 13.69
N ARG B 312 27.86 29.29 14.82
CA ARG B 312 26.87 30.37 14.86
C ARG B 312 27.33 31.53 13.99
N ASP B 313 28.61 31.91 14.14
CA ASP B 313 29.28 33.03 13.48
C ASP B 313 29.49 32.76 11.99
N MET B 314 29.83 31.50 11.66
CA MET B 314 30.08 31.01 10.31
C MET B 314 28.81 30.93 9.44
N LEU B 315 27.69 30.44 10.02
CA LEU B 315 26.39 30.28 9.34
C LEU B 315 25.92 31.50 8.54
N ASP B 316 25.77 31.33 7.22
CA ASP B 316 25.30 32.36 6.30
C ASP B 316 24.39 31.75 5.21
N SER B 317 23.08 31.68 5.50
CA SER B 317 22.07 31.17 4.57
C SER B 317 20.75 31.93 4.73
N PRO B 318 20.49 32.95 3.86
CA PRO B 318 19.23 33.71 3.97
C PRO B 318 17.99 32.83 3.82
N SER B 319 18.09 31.78 2.98
CA SER B 319 17.01 30.82 2.73
C SER B 319 16.73 29.96 3.98
N TYR B 320 17.78 29.57 4.73
CA TYR B 320 17.60 28.81 5.97
C TYR B 320 16.99 29.69 7.05
N GLU B 321 17.39 30.97 7.14
CA GLU B 321 16.81 31.90 8.12
C GLU B 321 15.30 32.08 7.84
N LYS B 322 14.90 32.01 6.55
CA LYS B 322 13.51 32.12 6.11
C LYS B 322 12.75 30.89 6.58
N ILE B 323 13.27 29.68 6.30
CA ILE B 323 12.65 28.40 6.70
C ILE B 323 12.46 28.36 8.21
N LYS B 324 13.50 28.77 8.96
CA LYS B 324 13.54 28.85 10.42
C LYS B 324 12.38 29.65 10.97
N HIS B 325 11.98 30.73 10.24
CA HIS B 325 10.93 31.66 10.64
C HIS B 325 9.55 31.41 10.03
N MET B 326 9.36 30.23 9.44
CA MET B 326 8.10 29.76 8.87
C MET B 326 7.10 29.44 10.00
N ASP B 327 5.83 29.27 9.62
CA ASP B 327 4.76 28.96 10.57
C ASP B 327 4.99 27.71 11.41
N PHE B 328 4.03 26.79 11.39
CA PHE B 328 4.04 25.61 12.29
C PHE B 328 3.77 25.93 13.78
N SER B 329 2.97 26.99 14.02
CA SER B 329 2.61 27.41 15.37
C SER B 329 1.33 26.70 15.83
N ASP B 330 0.24 26.82 15.05
CA ASP B 330 -1.04 26.21 15.41
C ASP B 330 -1.49 24.97 14.59
N LEU B 331 -0.62 24.49 13.68
CA LEU B 331 -0.87 23.27 12.92
C LEU B 331 -0.61 22.06 13.83
N ASN B 332 -1.54 21.06 13.81
CA ASN B 332 -1.41 19.81 14.56
C ASN B 332 -0.43 18.89 13.81
N PRO B 333 0.77 18.65 14.38
CA PRO B 333 1.75 17.81 13.67
C PRO B 333 1.51 16.31 13.84
N GLU B 334 0.42 15.95 14.55
CA GLU B 334 -0.01 14.58 14.84
C GLU B 334 0.04 13.67 13.61
N LYS B 335 -0.54 14.13 12.47
CA LYS B 335 -0.57 13.37 11.22
C LYS B 335 0.87 13.10 10.72
N LEU B 336 1.71 14.16 10.73
CA LEU B 336 3.10 14.13 10.29
C LEU B 336 3.94 13.23 11.18
N HIS B 337 3.67 13.21 12.50
CA HIS B 337 4.37 12.37 13.47
C HIS B 337 3.99 10.90 13.36
N LEU B 338 2.70 10.61 13.15
CA LEU B 338 2.16 9.25 12.97
C LEU B 338 2.80 8.61 11.73
N LYS B 339 2.85 9.39 10.62
CA LYS B 339 3.40 8.99 9.33
C LYS B 339 4.89 8.64 9.42
N THR B 340 5.72 9.50 10.07
CA THR B 340 7.15 9.19 10.23
C THR B 340 7.38 8.06 11.23
N GLN B 341 6.54 7.97 12.29
CA GLN B 341 6.63 6.88 13.27
C GLN B 341 6.28 5.54 12.62
N LYS B 342 5.24 5.51 11.76
CA LYS B 342 4.79 4.33 11.01
C LYS B 342 5.90 3.88 10.06
N CYS B 343 6.54 4.85 9.40
CA CYS B 343 7.65 4.66 8.48
C CYS B 343 8.88 4.11 9.23
N LEU B 344 9.13 4.60 10.48
CA LEU B 344 10.29 4.20 11.27
C LEU B 344 10.08 2.97 12.14
N SER B 345 8.85 2.44 12.22
CA SER B 345 8.53 1.26 13.03
C SER B 345 9.27 -0.04 12.62
N SER B 346 9.82 -0.12 11.37
CA SER B 346 10.52 -1.30 10.84
C SER B 346 12.00 -1.33 11.26
N LEU B 347 12.50 -0.22 11.73
CA LEU B 347 13.86 -0.12 12.15
C LEU B 347 14.03 -0.89 13.41
N ASN B 348 12.97 -0.95 14.18
CA ASN B 348 13.04 -1.50 15.50
C ASN B 348 13.74 -2.85 15.74
N GLU B 349 13.29 -3.89 15.07
CA GLU B 349 13.67 -5.22 15.49
C GLU B 349 14.62 -5.96 14.58
N GLN B 350 15.35 -5.22 13.79
CA GLN B 350 16.35 -5.79 12.86
C GLN B 350 17.58 -6.40 13.59
N TYR B 351 18.27 -5.56 14.40
CA TYR B 351 19.49 -5.81 15.19
C TYR B 351 19.39 -4.85 16.41
N PRO B 352 18.47 -5.20 17.38
CA PRO B 352 18.22 -4.30 18.53
C PRO B 352 19.37 -3.97 19.47
N LEU B 353 20.34 -4.91 19.61
CA LEU B 353 21.48 -4.70 20.50
C LEU B 353 22.54 -3.78 19.88
N HIS B 354 22.65 -3.75 18.54
CA HIS B 354 23.57 -2.89 17.79
C HIS B 354 23.06 -1.45 17.83
N ARG B 355 21.72 -1.28 17.67
CA ARG B 355 21.07 0.01 17.75
C ARG B 355 21.13 0.50 19.19
N GLY B 356 20.96 -0.43 20.15
CA GLY B 356 21.08 -0.13 21.58
C GLY B 356 22.43 0.49 21.94
N ALA B 357 23.53 -0.01 21.34
CA ALA B 357 24.89 0.48 21.56
C ALA B 357 25.08 1.89 21.00
N ILE B 358 24.38 2.22 19.90
CA ILE B 358 24.48 3.53 19.23
C ILE B 358 23.65 4.60 19.89
N TYR B 359 22.36 4.29 20.18
CA TYR B 359 21.33 5.21 20.66
C TYR B 359 20.91 5.19 22.12
N LEU B 360 21.07 4.06 22.81
CA LEU B 360 20.64 3.93 24.19
C LEU B 360 21.71 4.38 25.19
N SER B 361 21.28 4.95 26.32
CA SER B 361 22.18 5.41 27.37
C SER B 361 21.65 5.13 28.78
N ASP B 362 20.35 4.80 28.91
CA ASP B 362 19.74 4.51 30.20
C ASP B 362 20.12 3.11 30.68
N PRO B 363 20.86 2.98 31.82
CA PRO B 363 21.23 1.64 32.30
C PRO B 363 20.03 0.70 32.54
N GLY B 364 18.89 1.25 32.97
CA GLY B 364 17.65 0.51 33.18
C GLY B 364 17.07 -0.05 31.89
N GLU B 365 17.10 0.76 30.80
CA GLU B 365 16.62 0.35 29.48
C GLU B 365 17.54 -0.69 28.87
N ILE B 366 18.87 -0.56 29.11
CA ILE B 366 19.90 -1.48 28.60
C ILE B 366 19.80 -2.83 29.29
N LYS B 367 19.68 -2.83 30.65
CA LYS B 367 19.57 -4.05 31.47
C LYS B 367 18.42 -4.91 30.98
N LEU B 368 17.28 -4.27 30.71
CA LEU B 368 16.04 -4.85 30.21
C LEU B 368 16.21 -5.40 28.80
N LEU B 369 16.88 -4.62 27.92
CA LEU B 369 17.10 -4.99 26.53
C LEU B 369 18.02 -6.21 26.45
N LEU B 370 19.08 -6.25 27.27
CA LEU B 370 20.00 -7.38 27.25
C LEU B 370 19.49 -8.59 28.06
N SER B 371 18.51 -8.37 28.96
CA SER B 371 17.90 -9.40 29.78
C SER B 371 17.25 -10.43 28.85
N ASN B 372 17.63 -11.71 29.01
CA ASN B 372 17.10 -12.83 28.22
C ASN B 372 17.66 -12.95 26.78
N ARG B 373 18.74 -12.24 26.47
CA ARG B 373 19.34 -12.39 25.15
C ARG B 373 20.29 -13.57 25.22
N ASN B 374 20.23 -14.47 24.24
CA ASN B 374 21.13 -15.63 24.21
C ASN B 374 22.52 -15.22 23.67
N GLU B 375 23.53 -16.10 23.85
CA GLU B 375 24.93 -15.92 23.42
C GLU B 375 25.05 -15.46 21.97
N SER B 376 24.38 -16.16 21.04
CA SER B 376 24.38 -15.86 19.61
C SER B 376 23.87 -14.42 19.30
N GLN B 377 22.90 -13.91 20.09
CA GLN B 377 22.35 -12.57 19.95
C GLN B 377 23.33 -11.53 20.45
N ILE B 378 23.89 -11.71 21.68
CA ILE B 378 24.84 -10.76 22.24
C ILE B 378 26.17 -10.66 21.48
N ASN B 379 26.52 -11.70 20.70
CA ASN B 379 27.76 -11.73 19.92
C ASN B 379 27.50 -11.65 18.40
N GLN B 380 26.31 -11.20 18.02
CA GLN B 380 25.92 -11.16 16.63
C GLN B 380 26.64 -10.13 15.79
N GLN B 381 27.20 -10.59 14.67
CA GLN B 381 27.88 -9.74 13.70
C GLN B 381 26.96 -9.54 12.52
N ILE B 382 26.59 -8.29 12.25
CA ILE B 382 25.67 -8.00 11.16
C ILE B 382 26.34 -8.24 9.81
N GLU B 383 25.56 -8.80 8.89
CA GLU B 383 26.04 -9.15 7.57
C GLU B 383 25.78 -8.07 6.51
N GLN B 384 26.55 -8.18 5.45
CA GLN B 384 26.56 -7.39 4.25
C GLN B 384 25.12 -7.00 3.81
N GLY B 385 24.94 -5.72 3.49
CA GLY B 385 23.65 -5.23 3.02
C GLY B 385 22.93 -4.34 4.01
N ALA B 386 23.27 -4.45 5.28
CA ALA B 386 22.69 -3.61 6.31
C ALA B 386 23.34 -2.20 6.26
N PRO B 387 22.77 -1.14 6.87
CA PRO B 387 23.49 0.16 6.88
C PRO B 387 24.97 0.00 7.26
N PRO B 388 25.87 0.67 6.51
CA PRO B 388 27.33 0.49 6.70
C PRO B 388 27.92 0.40 8.10
N ILE B 389 27.38 1.13 9.06
CA ILE B 389 27.86 1.18 10.43
C ILE B 389 27.83 -0.19 11.15
N TYR B 390 26.92 -1.09 10.75
CA TYR B 390 26.71 -2.38 11.40
C TYR B 390 27.56 -3.51 10.89
N VAL B 391 27.84 -3.53 9.56
CA VAL B 391 28.51 -4.62 8.86
C VAL B 391 29.77 -5.16 9.52
N GLY B 392 29.68 -6.44 9.92
CA GLY B 392 30.75 -7.18 10.59
C GLY B 392 30.96 -6.86 12.05
N LYS B 393 30.12 -6.00 12.64
CA LYS B 393 30.27 -5.57 14.01
C LYS B 393 29.35 -6.25 15.04
N THR B 394 29.86 -6.35 16.27
CA THR B 394 29.11 -6.89 17.40
C THR B 394 28.56 -5.70 18.18
N PRO B 395 27.54 -5.90 19.06
CA PRO B 395 27.11 -4.79 19.92
C PRO B 395 28.29 -4.22 20.75
N ALA B 396 29.25 -5.08 21.21
CA ALA B 396 30.47 -4.65 21.95
C ALA B 396 31.34 -3.68 21.14
N HIS B 397 31.57 -4.00 19.84
CA HIS B 397 32.35 -3.19 18.91
C HIS B 397 31.74 -1.79 18.85
N LEU B 398 30.43 -1.75 18.66
CA LEU B 398 29.68 -0.52 18.51
C LEU B 398 29.58 0.25 19.81
N ALA B 399 29.58 -0.46 20.98
CA ALA B 399 29.55 0.15 22.30
C ALA B 399 30.84 0.91 22.50
N VAL B 400 31.99 0.33 22.06
CA VAL B 400 33.31 0.93 22.18
C VAL B 400 33.45 2.19 21.31
N ILE B 401 33.24 2.10 19.96
CA ILE B 401 33.35 3.27 19.07
C ILE B 401 32.42 4.41 19.53
N SER B 402 31.27 4.07 20.12
CA SER B 402 30.27 5.03 20.56
C SER B 402 30.58 5.66 21.91
N GLY B 403 31.48 5.05 22.69
CA GLY B 403 31.75 5.48 24.05
C GLY B 403 30.56 5.25 24.97
N ASN B 404 29.72 4.25 24.64
CA ASN B 404 28.54 3.88 25.40
C ASN B 404 28.97 2.92 26.53
N MET B 405 29.39 3.52 27.65
CA MET B 405 29.89 2.83 28.83
C MET B 405 28.83 1.92 29.45
N ALA B 406 27.57 2.41 29.57
CA ALA B 406 26.43 1.68 30.14
C ALA B 406 26.20 0.36 29.37
N MET B 407 26.25 0.42 28.02
CA MET B 407 26.08 -0.75 27.17
C MET B 407 27.27 -1.68 27.29
N LEU B 408 28.51 -1.13 27.27
CA LEU B 408 29.72 -1.96 27.38
C LEU B 408 29.74 -2.77 28.70
N ASP B 409 29.40 -2.12 29.83
CA ASP B 409 29.32 -2.73 31.17
C ASP B 409 28.32 -3.91 31.20
N GLU B 410 27.19 -3.71 30.56
CA GLU B 410 26.10 -4.66 30.50
C GLU B 410 26.42 -5.84 29.61
N LEU B 411 27.15 -5.61 28.51
CA LEU B 411 27.61 -6.67 27.60
C LEU B 411 28.67 -7.53 28.31
N ILE B 412 29.55 -6.87 29.10
CA ILE B 412 30.58 -7.51 29.89
C ILE B 412 29.88 -8.41 30.92
N ALA B 413 28.86 -7.89 31.60
CA ALA B 413 28.04 -8.59 32.58
C ALA B 413 27.35 -9.80 31.97
N LYS B 414 26.95 -9.68 30.69
CA LYS B 414 26.31 -10.74 29.89
C LYS B 414 27.33 -11.73 29.28
N LYS B 415 28.60 -11.56 29.61
CA LYS B 415 29.71 -12.41 29.18
C LYS B 415 29.89 -12.43 27.66
N ALA B 416 29.84 -11.25 27.05
CA ALA B 416 30.04 -11.03 25.62
C ALA B 416 31.46 -11.40 25.23
N ASP B 417 31.64 -12.06 24.08
CA ASP B 417 32.96 -12.42 23.56
C ASP B 417 33.62 -11.14 23.06
N LEU B 418 34.62 -10.68 23.81
CA LEU B 418 35.33 -9.44 23.50
C LEU B 418 36.51 -9.65 22.55
N SER B 419 36.77 -10.91 22.16
CA SER B 419 37.86 -11.27 21.26
C SER B 419 37.44 -11.33 19.78
N LEU B 420 36.16 -11.14 19.49
CA LEU B 420 35.64 -11.16 18.13
C LEU B 420 36.20 -10.03 17.27
N GLN B 421 36.59 -10.37 16.04
CA GLN B 421 37.16 -9.44 15.08
C GLN B 421 36.11 -9.02 14.09
N ASP B 422 36.11 -7.71 13.73
CA ASP B 422 35.18 -7.21 12.72
C ASP B 422 35.81 -7.47 11.35
N TYR B 423 35.15 -7.00 10.27
CA TYR B 423 35.66 -7.24 8.91
C TYR B 423 36.99 -6.54 8.60
N ASP B 424 37.51 -5.72 9.53
CA ASP B 424 38.81 -5.06 9.44
C ASP B 424 39.89 -5.75 10.31
N GLY B 425 39.51 -6.90 10.91
CA GLY B 425 40.34 -7.68 11.81
C GLY B 425 40.46 -7.07 13.19
N LYS B 426 39.71 -5.97 13.47
CA LYS B 426 39.78 -5.27 14.75
C LYS B 426 38.85 -5.82 15.82
N THR B 427 39.35 -5.93 17.05
CA THR B 427 38.56 -6.36 18.20
C THR B 427 38.15 -5.08 18.98
N ALA B 428 37.33 -5.23 20.04
CA ALA B 428 36.92 -4.12 20.90
C ALA B 428 38.19 -3.46 21.52
N LEU B 429 39.25 -4.27 21.81
CA LEU B 429 40.49 -3.69 22.30
C LEU B 429 41.25 -2.85 21.28
N HIS B 430 41.27 -3.24 19.99
CA HIS B 430 41.90 -2.42 18.95
C HIS B 430 41.25 -1.03 18.94
N TYR B 431 39.92 -1.00 19.04
CA TYR B 431 39.11 0.22 19.04
C TYR B 431 39.34 1.09 20.26
N ALA B 432 39.42 0.44 21.45
CA ALA B 432 39.66 1.13 22.73
C ALA B 432 41.01 1.85 22.70
N ALA B 433 42.02 1.19 22.10
CA ALA B 433 43.35 1.74 21.99
C ALA B 433 43.39 2.88 21.00
N GLU B 434 42.80 2.72 19.78
CA GLU B 434 42.72 3.76 18.76
C GLU B 434 42.05 5.05 19.27
N CYS B 435 40.97 4.91 20.04
CA CYS B 435 40.21 6.00 20.61
C CYS B 435 40.82 6.54 21.92
N GLY B 436 41.88 5.89 22.40
CA GLY B 436 42.64 6.24 23.60
C GLY B 436 41.87 6.37 24.89
N ASN B 437 40.81 5.58 25.08
CA ASN B 437 40.00 5.59 26.30
C ASN B 437 40.53 4.50 27.22
N MET B 438 41.18 4.94 28.30
CA MET B 438 41.79 4.09 29.33
C MET B 438 40.74 3.30 30.14
N GLN B 439 39.58 3.91 30.47
CA GLN B 439 38.54 3.17 31.20
C GLN B 439 37.97 2.01 30.38
N ILE B 440 37.72 2.22 29.07
CA ILE B 440 37.21 1.15 28.23
C ILE B 440 38.25 0.04 28.08
N MET B 441 39.49 0.43 27.81
CA MET B 441 40.68 -0.42 27.71
C MET B 441 40.87 -1.28 28.97
N GLY B 442 40.76 -0.66 30.14
CA GLY B 442 40.87 -1.31 31.43
C GLY B 442 39.79 -2.33 31.67
N LYS B 443 38.53 -1.96 31.37
CA LYS B 443 37.36 -2.86 31.51
C LYS B 443 37.43 -4.10 30.64
N ILE B 444 37.90 -3.95 29.39
CA ILE B 444 38.11 -5.04 28.43
C ILE B 444 39.23 -5.97 28.93
N LEU B 445 40.40 -5.39 29.31
CA LEU B 445 41.56 -6.13 29.81
C LEU B 445 41.29 -6.95 31.08
N LYS B 446 40.51 -6.40 32.04
CA LYS B 446 40.11 -7.10 33.27
C LYS B 446 39.43 -8.41 32.91
N VAL B 447 38.65 -8.39 31.82
CA VAL B 447 37.92 -9.54 31.31
C VAL B 447 38.91 -10.48 30.62
N VAL B 448 39.62 -9.97 29.59
CA VAL B 448 40.59 -10.73 28.82
C VAL B 448 41.53 -11.51 29.72
N LEU B 449 42.07 -10.84 30.75
CA LEU B 449 43.00 -11.46 31.69
C LEU B 449 42.40 -12.45 32.66
N SER B 450 41.06 -12.51 32.74
CA SER B 450 40.36 -13.44 33.62
C SER B 450 40.11 -14.74 32.87
N GLN B 451 40.65 -14.88 31.64
CA GLN B 451 40.49 -16.07 30.79
C GLN B 451 41.81 -16.73 30.36
N GLU B 452 41.71 -18.02 29.98
CA GLU B 452 42.84 -18.85 29.56
C GLU B 452 43.54 -18.39 28.30
N ASP B 453 42.79 -17.86 27.35
CA ASP B 453 43.45 -17.49 26.13
C ASP B 453 43.97 -16.06 26.05
N ALA B 454 44.11 -15.40 27.23
CA ALA B 454 44.54 -13.99 27.39
C ALA B 454 45.64 -13.53 26.43
N ILE B 455 46.78 -14.25 26.39
CA ILE B 455 47.92 -13.93 25.51
C ILE B 455 47.57 -13.99 24.02
N LYS B 456 46.83 -15.04 23.60
CA LYS B 456 46.35 -15.21 22.23
C LYS B 456 45.44 -14.03 21.89
N VAL B 457 44.52 -13.67 22.81
CA VAL B 457 43.57 -12.57 22.64
C VAL B 457 44.26 -11.23 22.44
N LEU B 458 45.20 -10.90 23.33
CA LEU B 458 45.96 -9.66 23.31
C LEU B 458 46.82 -9.54 22.06
N ASN B 459 47.29 -10.68 21.52
CA ASN B 459 48.14 -10.77 20.33
C ASN B 459 47.37 -10.81 19.01
N ILE B 460 46.03 -10.62 19.04
CA ILE B 460 45.21 -10.60 17.83
C ILE B 460 45.64 -9.43 16.94
N LYS B 461 45.93 -9.75 15.68
CA LYS B 461 46.38 -8.81 14.69
C LYS B 461 45.21 -8.43 13.80
N ASP B 462 45.12 -7.14 13.45
CA ASP B 462 44.06 -6.72 12.55
C ASP B 462 44.53 -6.92 11.10
N ASN B 463 43.81 -6.39 10.13
CA ASN B 463 44.18 -6.50 8.71
C ASN B 463 45.47 -5.78 8.34
N HIS B 464 46.00 -4.93 9.23
CA HIS B 464 47.26 -4.22 9.00
C HIS B 464 48.37 -4.92 9.74
N GLY B 465 48.05 -6.08 10.32
CA GLY B 465 48.96 -6.92 11.09
C GLY B 465 49.35 -6.30 12.40
N LYS B 466 48.53 -5.33 12.86
CA LYS B 466 48.78 -4.60 14.10
C LYS B 466 48.00 -5.16 15.25
N THR B 467 48.61 -5.10 16.41
CA THR B 467 48.08 -5.54 17.70
C THR B 467 47.41 -4.30 18.33
N ALA B 468 46.49 -4.49 19.31
CA ALA B 468 45.80 -3.39 19.98
C ALA B 468 46.84 -2.47 20.61
N PHE B 469 47.90 -3.06 21.17
CA PHE B 469 48.98 -2.33 21.82
C PHE B 469 49.86 -1.55 20.89
N HIS B 470 50.01 -2.00 19.63
CA HIS B 470 50.72 -1.24 18.62
C HIS B 470 49.98 0.10 18.48
N TYR B 471 48.63 0.04 18.38
CA TYR B 471 47.77 1.22 18.24
C TYR B 471 47.86 2.11 19.46
N ALA B 472 47.75 1.51 20.67
CA ALA B 472 47.86 2.21 21.94
C ALA B 472 49.19 3.03 22.00
N ALA B 473 50.31 2.41 21.58
CA ALA B 473 51.64 2.99 21.56
C ALA B 473 51.78 4.11 20.54
N GLU B 474 50.84 4.23 19.63
CA GLU B 474 50.90 5.23 18.57
C GLU B 474 49.82 6.29 18.75
N PHE B 475 49.10 6.23 19.89
CA PHE B 475 48.04 7.18 20.20
C PHE B 475 48.66 8.55 20.44
N GLY B 476 48.21 9.54 19.67
CA GLY B 476 48.69 10.92 19.72
C GLY B 476 50.01 11.14 19.02
N THR B 477 50.37 10.23 18.09
CA THR B 477 51.61 10.24 17.30
C THR B 477 51.28 10.69 15.85
N PRO B 478 52.12 11.59 15.25
CA PRO B 478 51.85 12.04 13.87
C PRO B 478 51.79 10.93 12.81
N GLU B 479 50.77 10.99 11.90
CA GLU B 479 50.57 10.05 10.80
C GLU B 479 51.01 10.64 9.46
O3P C5P C . -33.59 -3.32 3.60
P C5P C . -34.20 -3.01 2.23
O1P C5P C . -35.70 -3.18 2.21
O2P C5P C . -33.73 -1.63 1.74
O5' C5P C . -33.51 -4.03 1.23
C5' C5P C . -32.94 -3.73 -0.06
C4' C5P C . -33.27 -4.83 -1.03
O4' C5P C . -34.67 -5.16 -0.95
C3' C5P C . -33.03 -4.49 -2.49
O3' C5P C . -31.66 -4.69 -2.83
C2' C5P C . -33.98 -5.44 -3.19
O2' C5P C . -33.51 -6.78 -3.22
C1' C5P C . -35.19 -5.38 -2.25
N1 C5P C . -36.16 -4.31 -2.59
C2 C5P C . -36.98 -4.51 -3.70
N3 C5P C . -37.88 -3.55 -4.04
C4 C5P C . -37.98 -2.42 -3.30
C5 C5P C . -37.15 -2.20 -2.16
C6 C5P C . -36.26 -3.15 -1.85
O2 C5P C . -36.87 -5.55 -4.35
N4 C5P C . -38.91 -1.53 -3.65
HOP3 C5P C . -33.22 -4.18 3.93
HOP2 C5P C . -33.63 -0.84 2.33
H5'1 C5P C . -31.85 -3.63 0.04
H5'2 C5P C . -33.37 -2.77 -0.37
H4' C5P C . -32.74 -5.74 -0.75
H3' C5P C . -33.28 -3.45 -2.71
HO3' C5P C . -31.41 -3.99 -3.49
H2'1 C5P C . -34.21 -5.05 -4.18
HO2' C5P C . -32.53 -6.72 -3.37
H1' C5P C . -35.69 -6.35 -2.24
H5 C5P C . -37.22 -1.30 -1.56
H6 C5P C . -35.60 -3.00 -0.99
HN41 C5P C . -39.52 -1.65 -4.46
HN42 C5P C . -39.05 -0.68 -3.12
P PO4 D . -32.17 -7.84 3.68
O1 PO4 D . -30.93 -8.76 3.46
O2 PO4 D . -33.09 -7.85 2.42
O3 PO4 D . -32.97 -8.39 4.88
O4 PO4 D . -31.71 -6.38 3.96
P PO4 E . -24.11 -8.89 -23.07
O1 PO4 E . -25.36 -9.25 -22.19
O2 PO4 E . -23.26 -10.18 -23.32
O3 PO4 E . -24.58 -8.32 -24.43
O4 PO4 E . -23.25 -7.83 -22.33
C1 GOL F . -23.18 -7.88 -6.83
O1 GOL F . -23.73 -9.19 -6.63
C2 GOL F . -22.03 -7.87 -7.82
O2 GOL F . -22.12 -6.68 -8.62
C3 GOL F . -21.97 -9.09 -8.72
O3 GOL F . -20.96 -8.96 -9.72
H11 GOL F . -22.87 -7.45 -5.88
H12 GOL F . -23.98 -7.21 -7.16
HO1 GOL F . -23.93 -9.25 -5.66
H2 GOL F . -21.09 -7.71 -7.31
HO2 GOL F . -22.89 -6.76 -9.24
H31 GOL F . -22.93 -9.29 -9.19
H32 GOL F . -21.76 -9.98 -8.13
HO3 GOL F . -20.85 -9.87 -10.10
O3P C5P G . 30.20 14.27 -4.71
P C5P G . 30.65 14.88 -3.37
O1P C5P G . 32.14 15.20 -3.32
O2P C5P G . 29.80 16.09 -3.09
O5' C5P G . 30.26 13.85 -2.23
C5' C5P G . 29.77 14.09 -0.90
C4' C5P G . 30.71 13.46 0.08
O4' C5P G . 32.03 14.05 -0.04
C3' C5P G . 30.34 13.63 1.54
O3' C5P G . 29.40 12.65 1.96
C2' C5P G . 31.69 13.50 2.25
O2' C5P G . 32.08 12.14 2.43
C1' C5P G . 32.64 14.15 1.23
N1 C5P G . 32.94 15.58 1.51
C2 C5P G . 33.75 15.87 2.62
N3 C5P G . 34.08 17.17 2.87
C4 C5P G . 33.65 18.15 2.05
C5 C5P G . 32.85 17.88 0.91
C6 C5P G . 32.52 16.60 0.67
O2 C5P G . 34.14 14.95 3.35
N4 C5P G . 33.98 19.41 2.36
HOP3 C5P G . 30.75 13.94 -5.46
HOP2 C5P G . 28.83 16.11 -3.32
H5'1 C5P G . 28.78 13.65 -0.80
H5'2 C5P G . 29.71 15.17 -0.78
H4' C5P G . 30.85 12.40 -0.16
H3' C5P G . 29.91 14.62 1.73
HO3' C5P G . 28.73 13.10 2.54
H2'1 C5P G . 31.65 14.04 3.19
HO2' C5P G . 32.03 11.99 3.41
H1' C5P G . 33.57 13.58 1.19
H5 C5P G . 32.51 18.66 0.22
H6 C5P G . 31.89 16.35 -0.18
HN41 C5P G . 34.55 19.65 3.16
HN42 C5P G . 33.65 20.19 1.79
P PO4 H . 31.80 9.57 -3.72
O1 PO4 H . 32.00 10.62 -2.60
O2 PO4 H . 32.03 10.25 -5.09
O3 PO4 H . 32.80 8.41 -3.52
O4 PO4 H . 30.34 9.00 -3.66
P PO4 I . 40.87 6.98 -8.82
O1 PO4 I . 40.34 7.17 -7.38
O2 PO4 I . 42.43 7.06 -8.86
O3 PO4 I . 40.43 5.58 -9.34
O4 PO4 I . 40.28 8.07 -9.76
#